data_3KMV
#
_entry.id   3KMV
#
_cell.length_a   106.370
_cell.length_b   106.370
_cell.length_c   237.564
_cell.angle_alpha   90.000
_cell.angle_beta   90.000
_cell.angle_gamma   120.000
#
_symmetry.space_group_name_H-M   'P 32 2 1'
#
loop_
_entity.id
_entity.type
_entity.pdbx_description
1 polymer 'Alpha-L-arabinofuranosidase B'
2 non-polymer GLYCEROL
3 non-polymer 'FORMIC ACID'
4 non-polymer 'CALCIUM ION'
5 non-polymer 'ACETATE ION'
6 water water
#
_entity_poly.entity_id   1
_entity_poly.type   'polypeptide(L)'
_entity_poly.pdbx_seq_one_letter_code
;MASSTNPITKAKFQSYNYPNMYIRHANFDARIDENVTPEMDSQWELVPGLANSGDGYVSIQSVNYPGYYLRHSNYDLSLE
KNDGTSLFAESATFKIVPGLADPSYISFQSYNFPTRYIRHYNYLLRLDEIVTELDRQDATFKIISEDTQLEHHHHHH
;
_entity_poly.pdbx_strand_id   A,B,C,D,E,F,G,H
#
loop_
_chem_comp.id
_chem_comp.type
_chem_comp.name
_chem_comp.formula
ACT non-polymer 'ACETATE ION' 'C2 H3 O2 -1'
CA non-polymer 'CALCIUM ION' 'Ca 2'
FMT non-polymer 'FORMIC ACID' 'C H2 O2'
GOL non-polymer GLYCEROL 'C3 H8 O3'
#
# COMPACT_ATOMS: atom_id res chain seq x y z
N LYS A 10 -27.90 0.81 21.42
CA LYS A 10 -27.67 -0.62 20.95
C LYS A 10 -28.84 -1.61 20.80
N ALA A 11 -28.97 -2.20 19.62
CA ALA A 11 -30.21 -2.94 19.35
C ALA A 11 -29.99 -4.01 18.29
N LYS A 12 -30.80 -5.06 18.33
CA LYS A 12 -30.93 -5.96 17.19
C LYS A 12 -32.31 -5.63 16.54
N PHE A 13 -32.49 -6.00 15.27
CA PHE A 13 -33.78 -5.79 14.57
C PHE A 13 -34.28 -7.14 14.11
N GLN A 14 -35.36 -7.57 14.74
CA GLN A 14 -35.92 -8.88 14.49
C GLN A 14 -37.03 -8.77 13.43
N SER A 15 -37.05 -9.68 12.47
CA SER A 15 -38.12 -9.57 11.42
C SER A 15 -39.49 -9.85 12.02
N TYR A 16 -40.49 -9.03 11.61
CA TYR A 16 -41.86 -9.23 12.05
C TYR A 16 -42.41 -10.58 11.59
N ASN A 17 -42.15 -10.95 10.32
CA ASN A 17 -42.76 -12.18 9.85
C ASN A 17 -41.92 -13.48 9.98
N TYR A 18 -40.61 -13.34 10.14
CA TYR A 18 -39.71 -14.50 10.41
C TYR A 18 -38.98 -14.16 11.70
N PRO A 19 -39.67 -14.34 12.87
CA PRO A 19 -39.15 -13.68 14.10
C PRO A 19 -37.93 -14.37 14.74
N ASN A 20 -37.38 -15.41 14.12
CA ASN A 20 -36.06 -15.88 14.60
C ASN A 20 -34.90 -15.34 13.69
N MET A 21 -35.23 -14.41 12.77
CA MET A 21 -34.21 -13.81 11.89
C MET A 21 -34.01 -12.33 12.19
N TYR A 22 -32.77 -11.90 12.01
CA TYR A 22 -32.34 -10.55 12.44
C TYR A 22 -31.58 -9.89 11.32
N ILE A 23 -31.66 -8.55 11.26
CA ILE A 23 -30.82 -7.86 10.28
C ILE A 23 -29.35 -8.01 10.64
N ARG A 24 -28.51 -8.39 9.67
CA ARG A 24 -27.09 -8.59 10.01
C ARG A 24 -26.29 -8.29 8.78
N HIS A 25 -25.00 -8.09 8.98
CA HIS A 25 -24.10 -7.91 7.83
C HIS A 25 -23.22 -9.17 7.65
N ALA A 26 -23.00 -9.53 6.38
CA ALA A 26 -22.13 -10.72 6.04
C ALA A 26 -21.43 -10.37 4.72
N ASN A 27 -20.11 -10.43 4.69
CA ASN A 27 -19.28 -10.02 3.51
CA ASN A 27 -19.33 -10.05 3.48
C ASN A 27 -19.71 -8.61 3.04
N PHE A 28 -20.03 -7.74 4.02
CA PHE A 28 -20.48 -6.34 3.77
C PHE A 28 -21.85 -6.25 3.06
N ASP A 29 -22.51 -7.37 2.83
CA ASP A 29 -23.90 -7.26 2.37
C ASP A 29 -24.78 -7.15 3.61
N ALA A 30 -25.87 -6.43 3.49
CA ALA A 30 -26.92 -6.45 4.53
C ALA A 30 -28.00 -7.43 4.17
N ARG A 31 -28.40 -8.26 5.13
CA ARG A 31 -29.33 -9.40 4.87
C ARG A 31 -30.01 -9.71 6.20
N ILE A 32 -30.91 -10.70 6.22
CA ILE A 32 -31.40 -11.19 7.50
C ILE A 32 -30.92 -12.65 7.63
N ASP A 33 -30.77 -13.13 8.85
CA ASP A 33 -30.47 -14.57 9.01
C ASP A 33 -30.91 -15.01 10.39
N GLU A 34 -31.08 -16.32 10.56
CA GLU A 34 -31.24 -16.94 11.89
C GLU A 34 -29.82 -17.39 12.43
N ASN A 35 -29.70 -17.63 13.74
CA ASN A 35 -28.47 -18.19 14.35
C ASN A 35 -27.22 -17.39 13.82
N VAL A 36 -27.32 -16.08 13.93
CA VAL A 36 -26.33 -15.17 13.39
C VAL A 36 -24.98 -15.39 14.05
N THR A 37 -23.93 -15.70 13.25
CA THR A 37 -22.66 -16.05 13.77
CA THR A 37 -22.63 -15.97 13.83
C THR A 37 -21.56 -15.23 13.04
N PRO A 38 -20.71 -14.45 13.73
CA PRO A 38 -20.77 -14.12 15.15
C PRO A 38 -22.01 -13.30 15.43
N GLU A 39 -22.50 -13.41 16.65
CA GLU A 39 -23.76 -12.72 17.01
C GLU A 39 -23.64 -11.19 16.88
N MET A 40 -22.43 -10.69 16.99
CA MET A 40 -22.21 -9.22 16.90
C MET A 40 -22.46 -8.69 15.49
N ASP A 41 -22.55 -9.57 14.47
CA ASP A 41 -22.90 -9.08 13.13
C ASP A 41 -24.38 -8.65 13.10
N SER A 42 -25.17 -9.04 14.11
CA SER A 42 -26.61 -8.58 14.15
C SER A 42 -26.83 -7.45 15.19
N GLN A 43 -25.75 -6.87 15.75
CA GLN A 43 -25.90 -5.78 16.73
C GLN A 43 -25.60 -4.44 16.09
N TRP A 44 -26.46 -3.46 16.41
CA TRP A 44 -26.40 -2.16 15.70
C TRP A 44 -26.54 -1.05 16.74
N GLU A 45 -26.07 0.13 16.37
CA GLU A 45 -26.27 1.30 17.18
C GLU A 45 -27.07 2.34 16.34
N LEU A 46 -28.22 2.78 16.87
CA LEU A 46 -28.96 3.88 16.21
C LEU A 46 -28.30 5.16 16.72
N VAL A 47 -27.77 5.93 15.78
CA VAL A 47 -27.14 7.21 16.10
C VAL A 47 -27.90 8.35 15.35
N PRO A 48 -27.67 9.60 15.74
CA PRO A 48 -28.42 10.71 15.04
C PRO A 48 -28.12 10.66 13.54
N GLY A 49 -29.13 10.97 12.73
CA GLY A 49 -28.96 10.74 11.22
C GLY A 49 -27.72 11.51 10.74
N LEU A 50 -26.88 10.83 9.93
CA LEU A 50 -25.71 11.50 9.35
C LEU A 50 -26.09 12.68 8.45
N ALA A 51 -27.30 12.63 7.85
CA ALA A 51 -27.75 13.72 6.96
C ALA A 51 -28.82 14.62 7.64
N ASN A 52 -29.21 14.31 8.89
CA ASN A 52 -30.27 15.10 9.52
C ASN A 52 -30.35 14.66 11.01
N SER A 53 -30.10 15.57 11.90
CA SER A 53 -30.04 15.18 13.30
C SER A 53 -31.38 15.54 13.96
N GLY A 54 -32.44 15.76 13.18
CA GLY A 54 -33.78 15.95 13.73
C GLY A 54 -34.32 14.72 14.43
N ASP A 55 -35.21 14.92 15.42
CA ASP A 55 -35.94 13.81 16.01
C ASP A 55 -36.61 12.87 15.02
N GLY A 56 -36.37 11.58 15.22
CA GLY A 56 -36.90 10.55 14.36
C GLY A 56 -35.94 10.08 13.29
N TYR A 57 -34.89 10.86 12.96
CA TYR A 57 -33.98 10.41 11.91
C TYR A 57 -32.72 9.79 12.52
N VAL A 58 -32.32 8.66 11.95
CA VAL A 58 -31.20 7.90 12.51
C VAL A 58 -30.29 7.45 11.40
N SER A 59 -29.08 7.06 11.82
CA SER A 59 -28.28 6.17 10.95
C SER A 59 -27.95 4.92 11.75
N ILE A 60 -27.63 3.87 11.02
CA ILE A 60 -27.66 2.53 11.65
C ILE A 60 -26.21 2.04 11.55
N GLN A 61 -25.47 2.14 12.68
CA GLN A 61 -24.07 1.92 12.68
C GLN A 61 -23.81 0.45 13.16
N SER A 62 -22.89 -0.24 12.49
CA SER A 62 -22.49 -1.58 12.95
C SER A 62 -21.71 -1.49 14.27
N VAL A 63 -22.07 -2.35 15.25
CA VAL A 63 -21.32 -2.36 16.52
C VAL A 63 -19.92 -2.99 16.35
N ASN A 64 -19.80 -4.02 15.50
CA ASN A 64 -18.47 -4.68 15.33
C ASN A 64 -17.65 -4.16 14.16
N TYR A 65 -18.26 -3.24 13.39
CA TYR A 65 -17.49 -2.42 12.40
C TYR A 65 -17.81 -0.95 12.63
N PRO A 66 -17.20 -0.36 13.67
CA PRO A 66 -17.43 1.04 13.95
C PRO A 66 -17.12 1.92 12.75
N GLY A 67 -17.96 2.91 12.53
CA GLY A 67 -17.71 3.80 11.37
C GLY A 67 -18.34 3.28 10.07
N TYR A 68 -18.96 2.10 10.10
CA TYR A 68 -19.60 1.55 8.94
C TYR A 68 -21.10 1.53 9.22
N TYR A 69 -21.90 1.78 8.18
CA TYR A 69 -23.34 2.02 8.42
C TYR A 69 -24.12 1.33 7.29
N LEU A 70 -25.38 1.02 7.53
CA LEU A 70 -26.22 0.52 6.46
C LEU A 70 -26.49 1.68 5.49
N ARG A 71 -26.22 1.42 4.21
CA ARG A 71 -26.36 2.46 3.19
C ARG A 71 -26.99 1.84 1.95
N HIS A 72 -27.90 2.58 1.31
CA HIS A 72 -28.48 2.04 0.08
C HIS A 72 -27.78 2.54 -1.19
N SER A 73 -27.70 1.64 -2.17
CA SER A 73 -27.25 2.07 -3.47
C SER A 73 -27.79 1.03 -4.45
N ASN A 74 -28.18 1.49 -5.63
CA ASN A 74 -28.96 0.66 -6.60
C ASN A 74 -30.15 -0.10 -5.92
N TYR A 75 -30.73 0.54 -4.91
CA TYR A 75 -31.84 0.03 -4.11
C TYR A 75 -31.49 -1.23 -3.30
N ASP A 76 -30.21 -1.51 -3.14
CA ASP A 76 -29.75 -2.62 -2.30
C ASP A 76 -29.18 -2.02 -1.04
N LEU A 77 -29.30 -2.64 0.12
CA LEU A 77 -28.62 -2.11 1.31
CA LEU A 77 -28.64 -2.12 1.35
C LEU A 77 -27.33 -2.89 1.53
N SER A 78 -26.25 -2.21 1.89
CA SER A 78 -24.95 -2.85 2.18
CA SER A 78 -25.02 -2.94 2.23
C SER A 78 -24.43 -2.25 3.46
N LEU A 79 -23.38 -2.78 3.98
CA LEU A 79 -22.69 -2.19 5.17
C LEU A 79 -21.45 -1.54 4.51
N GLU A 80 -21.33 -0.22 4.68
CA GLU A 80 -20.26 0.54 4.04
CA GLU A 80 -20.25 0.52 4.04
C GLU A 80 -19.64 1.55 5.00
N LYS A 81 -18.31 1.72 4.85
CA LYS A 81 -17.58 2.72 5.67
C LYS A 81 -18.03 4.10 5.28
N ASN A 82 -18.36 4.92 6.28
CA ASN A 82 -18.68 6.34 5.97
C ASN A 82 -17.50 7.02 5.34
N ASP A 83 -17.67 7.60 4.13
CA ASP A 83 -16.56 8.33 3.52
C ASP A 83 -16.70 9.85 3.74
N GLY A 84 -17.64 10.24 4.59
CA GLY A 84 -17.77 11.63 5.01
C GLY A 84 -18.57 12.49 4.04
N THR A 85 -19.07 11.90 2.93
CA THR A 85 -19.77 12.74 1.95
C THR A 85 -21.25 12.93 2.29
N SER A 86 -21.85 14.01 1.78
CA SER A 86 -23.28 14.22 1.92
C SER A 86 -24.01 13.10 1.18
N LEU A 87 -23.45 12.66 0.05
CA LEU A 87 -24.11 11.54 -0.67
C LEU A 87 -24.26 10.30 0.18
N PHE A 88 -23.18 9.91 0.88
CA PHE A 88 -23.25 8.78 1.74
C PHE A 88 -24.27 8.99 2.83
N ALA A 89 -24.17 10.17 3.45
CA ALA A 89 -25.04 10.47 4.60
C ALA A 89 -26.54 10.38 4.21
N GLU A 90 -26.91 10.96 3.06
CA GLU A 90 -28.30 10.93 2.55
CA GLU A 90 -28.31 10.92 2.63
C GLU A 90 -28.80 9.50 2.36
N SER A 91 -27.95 8.64 1.83
CA SER A 91 -28.34 7.24 1.57
CA SER A 91 -28.34 7.24 1.55
C SER A 91 -28.11 6.33 2.78
N ALA A 92 -27.70 6.90 3.90
CA ALA A 92 -27.51 6.13 5.14
C ALA A 92 -28.30 6.76 6.31
N THR A 93 -29.30 7.55 5.97
CA THR A 93 -30.17 8.21 7.02
C THR A 93 -31.59 7.68 6.77
N PHE A 94 -32.30 7.35 7.88
CA PHE A 94 -33.62 6.79 7.77
C PHE A 94 -34.50 7.43 8.86
N LYS A 95 -35.80 7.52 8.53
CA LYS A 95 -36.71 8.01 9.56
C LYS A 95 -37.33 6.73 10.17
N ILE A 96 -37.30 6.64 11.50
CA ILE A 96 -37.95 5.47 12.11
CA ILE A 96 -37.93 5.52 12.22
C ILE A 96 -39.42 5.82 12.29
N VAL A 97 -40.28 4.98 11.67
CA VAL A 97 -41.67 5.26 11.65
C VAL A 97 -42.42 4.06 12.26
N PRO A 98 -43.70 4.24 12.60
CA PRO A 98 -44.39 3.04 13.09
C PRO A 98 -44.40 1.90 12.08
N GLY A 99 -44.29 0.64 12.59
CA GLY A 99 -44.18 -0.52 11.74
C GLY A 99 -45.30 -0.54 10.71
N LEU A 100 -44.93 -0.77 9.43
CA LEU A 100 -45.96 -0.71 8.38
C LEU A 100 -47.01 -1.85 8.52
N ALA A 101 -46.61 -3.02 9.08
CA ALA A 101 -47.54 -4.10 9.27
C ALA A 101 -48.20 -4.09 10.64
N ASP A 102 -47.59 -3.37 11.59
CA ASP A 102 -48.14 -3.31 12.99
C ASP A 102 -47.40 -2.11 13.62
N PRO A 103 -48.17 -1.06 13.95
CA PRO A 103 -47.55 0.21 14.29
C PRO A 103 -46.80 0.21 15.65
N SER A 104 -46.92 -0.87 16.43
CA SER A 104 -46.11 -1.02 17.67
C SER A 104 -44.69 -1.50 17.39
N TYR A 105 -44.42 -1.97 16.19
CA TYR A 105 -43.06 -2.28 15.72
C TYR A 105 -42.49 -1.06 15.00
N ILE A 106 -41.38 -1.22 14.32
CA ILE A 106 -40.83 -0.12 13.56
C ILE A 106 -40.57 -0.44 12.07
N SER A 107 -40.49 0.61 11.26
CA SER A 107 -40.02 0.53 9.84
C SER A 107 -39.04 1.65 9.65
N PHE A 108 -38.16 1.46 8.68
CA PHE A 108 -37.09 2.44 8.38
C PHE A 108 -37.36 3.03 6.98
N GLN A 109 -37.79 4.31 6.95
CA GLN A 109 -38.06 4.99 5.70
C GLN A 109 -36.82 5.75 5.27
N SER A 110 -36.47 5.60 3.99
CA SER A 110 -35.27 6.33 3.56
C SER A 110 -35.44 7.88 3.57
N TYR A 111 -34.38 8.57 3.98
CA TYR A 111 -34.42 10.07 4.01
C TYR A 111 -34.51 10.65 2.60
N ASN A 112 -33.75 10.09 1.64
CA ASN A 112 -33.70 10.73 0.31
C ASN A 112 -34.69 10.12 -0.67
N PHE A 113 -35.24 8.95 -0.31
CA PHE A 113 -36.36 8.37 -1.06
C PHE A 113 -37.44 8.01 -0.05
N PRO A 114 -38.27 9.00 0.32
CA PRO A 114 -39.17 8.82 1.48
C PRO A 114 -40.38 7.89 1.18
N THR A 115 -40.56 7.42 -0.07
CA THR A 115 -41.54 6.37 -0.30
C THR A 115 -40.92 4.95 -0.24
N ARG A 116 -39.61 4.83 0.04
CA ARG A 116 -38.97 3.53 0.10
C ARG A 116 -38.56 3.17 1.52
N TYR A 117 -38.54 1.87 1.81
CA TYR A 117 -38.26 1.42 3.13
C TYR A 117 -37.25 0.24 3.05
N ILE A 118 -36.56 0.05 4.14
CA ILE A 118 -35.74 -1.15 4.28
C ILE A 118 -36.67 -2.38 4.38
N ARG A 119 -36.41 -3.38 3.55
CA ARG A 119 -37.26 -4.59 3.66
C ARG A 119 -36.40 -5.84 3.35
N HIS A 120 -36.77 -6.98 3.92
CA HIS A 120 -36.09 -8.20 3.47
C HIS A 120 -36.84 -8.75 2.25
N TYR A 121 -36.07 -9.17 1.27
CA TYR A 121 -36.62 -9.76 0.03
C TYR A 121 -36.05 -11.16 0.09
N ASN A 122 -36.88 -12.11 0.55
CA ASN A 122 -36.29 -13.37 1.10
C ASN A 122 -35.17 -13.01 2.10
N TYR A 123 -33.94 -13.51 1.95
CA TYR A 123 -32.95 -13.15 2.98
C TYR A 123 -32.23 -11.80 2.68
N LEU A 124 -32.44 -11.22 1.49
CA LEU A 124 -31.66 -10.05 1.10
C LEU A 124 -32.30 -8.82 1.72
N LEU A 125 -31.52 -7.81 2.06
CA LEU A 125 -32.12 -6.55 2.51
C LEU A 125 -32.03 -5.49 1.35
N ARG A 126 -33.14 -4.82 1.03
CA ARG A 126 -33.30 -3.99 -0.18
CA ARG A 126 -33.16 -3.93 -0.13
C ARG A 126 -34.07 -2.75 0.28
N LEU A 127 -34.09 -1.74 -0.57
CA LEU A 127 -34.83 -0.49 -0.28
C LEU A 127 -35.90 -0.34 -1.30
N ASP A 128 -37.14 -0.71 -0.93
CA ASP A 128 -38.24 -0.81 -1.91
C ASP A 128 -39.44 0.04 -1.59
N GLU A 129 -40.25 0.34 -2.63
CA GLU A 129 -41.59 0.84 -2.39
C GLU A 129 -42.45 -0.35 -1.87
N ILE A 130 -43.45 -0.06 -1.04
CA ILE A 130 -44.12 -1.09 -0.26
C ILE A 130 -45.57 -1.07 -0.63
N VAL A 131 -46.05 -2.15 -1.24
CA VAL A 131 -47.38 -2.15 -1.85
C VAL A 131 -48.34 -3.15 -1.16
N THR A 132 -47.90 -4.39 -1.01
CA THR A 132 -48.75 -5.46 -0.57
C THR A 132 -48.63 -5.69 0.95
N GLU A 133 -49.52 -6.54 1.47
CA GLU A 133 -49.42 -6.86 2.91
C GLU A 133 -48.06 -7.51 3.24
N LEU A 134 -47.65 -8.44 2.40
CA LEU A 134 -46.36 -9.10 2.65
C LEU A 134 -45.22 -8.13 2.50
N ASP A 135 -45.30 -7.14 1.55
CA ASP A 135 -44.27 -6.12 1.53
C ASP A 135 -44.25 -5.35 2.88
N ARG A 136 -45.44 -5.00 3.43
CA ARG A 136 -45.43 -4.31 4.75
C ARG A 136 -44.80 -5.20 5.82
N GLN A 137 -45.13 -6.51 5.82
CA GLN A 137 -44.53 -7.37 6.83
C GLN A 137 -42.99 -7.49 6.66
N ASP A 138 -42.53 -7.55 5.41
CA ASP A 138 -41.08 -7.63 5.11
C ASP A 138 -40.35 -6.36 5.53
N ALA A 139 -41.10 -5.25 5.69
CA ALA A 139 -40.52 -3.94 6.07
C ALA A 139 -40.74 -3.63 7.55
N THR A 140 -41.19 -4.61 8.32
CA THR A 140 -41.48 -4.33 9.74
C THR A 140 -40.52 -5.14 10.60
N PHE A 141 -39.95 -4.46 11.61
CA PHE A 141 -38.95 -5.09 12.51
C PHE A 141 -39.26 -4.71 13.97
N LYS A 142 -38.91 -5.63 14.84
CA LYS A 142 -38.96 -5.46 16.28
C LYS A 142 -37.61 -4.99 16.77
N ILE A 143 -37.56 -3.89 17.54
CA ILE A 143 -36.27 -3.47 18.16
C ILE A 143 -36.05 -4.28 19.44
N ILE A 144 -34.93 -4.99 19.52
CA ILE A 144 -34.56 -5.83 20.69
C ILE A 144 -33.41 -5.07 21.35
N SER A 145 -33.59 -4.56 22.57
CA SER A 145 -32.50 -3.68 23.06
C SER A 145 -32.24 -3.81 24.51
N THR B 9 -24.85 20.34 -11.31
CA THR B 9 -25.94 21.01 -10.52
C THR B 9 -25.73 22.56 -10.58
N LYS B 10 -26.72 23.34 -11.06
CA LYS B 10 -26.69 24.83 -10.86
CA LYS B 10 -26.72 24.81 -10.88
C LYS B 10 -27.30 25.28 -9.54
N ALA B 11 -26.59 26.14 -8.84
CA ALA B 11 -27.04 26.46 -7.47
C ALA B 11 -26.52 27.81 -6.95
N LYS B 12 -27.20 28.35 -5.93
CA LYS B 12 -26.60 29.43 -5.11
C LYS B 12 -26.30 28.75 -3.74
N PHE B 13 -25.35 29.36 -2.98
CA PHE B 13 -25.04 28.81 -1.63
C PHE B 13 -25.30 29.94 -0.60
N GLN B 14 -26.31 29.69 0.21
CA GLN B 14 -26.82 30.70 1.14
C GLN B 14 -26.20 30.42 2.49
N SER B 15 -25.67 31.46 3.12
CA SER B 15 -25.04 31.27 4.45
C SER B 15 -26.07 30.78 5.50
N TYR B 16 -25.65 29.80 6.30
CA TYR B 16 -26.50 29.25 7.38
C TYR B 16 -26.82 30.31 8.43
N ASN B 17 -25.80 31.11 8.82
CA ASN B 17 -26.04 32.06 9.94
C ASN B 17 -26.47 33.46 9.48
N TYR B 18 -26.17 33.83 8.24
CA TYR B 18 -26.66 35.11 7.67
C TYR B 18 -27.43 34.76 6.38
N PRO B 19 -28.68 34.30 6.52
CA PRO B 19 -29.36 33.62 5.39
C PRO B 19 -29.86 34.52 4.28
N ASN B 20 -29.65 35.84 4.38
CA ASN B 20 -29.89 36.69 3.17
C ASN B 20 -28.57 36.87 2.37
N MET B 21 -27.50 36.19 2.78
CA MET B 21 -26.22 36.36 2.11
C MET B 21 -25.79 35.10 1.41
N TYR B 22 -25.10 35.28 0.27
CA TYR B 22 -24.77 34.13 -0.63
C TYR B 22 -23.28 34.22 -1.08
N ILE B 23 -22.70 33.06 -1.35
CA ILE B 23 -21.35 33.05 -1.90
C ILE B 23 -21.38 33.73 -3.26
N ARG B 24 -20.44 34.64 -3.50
CA ARG B 24 -20.44 35.37 -4.77
C ARG B 24 -19.02 35.75 -5.14
N HIS B 25 -18.76 36.01 -6.43
CA HIS B 25 -17.48 36.58 -6.79
C HIS B 25 -17.62 38.07 -7.07
N ALA B 26 -16.61 38.85 -6.66
CA ALA B 26 -16.60 40.31 -7.01
C ALA B 26 -15.12 40.70 -7.21
N ASN B 27 -14.79 41.35 -8.28
CA ASN B 27 -13.36 41.70 -8.61
CA ASN B 27 -13.36 41.70 -8.61
C ASN B 27 -12.46 40.44 -8.48
N PHE B 28 -13.02 39.28 -8.86
CA PHE B 28 -12.36 37.95 -8.76
C PHE B 28 -12.05 37.51 -7.29
N ASP B 29 -12.50 38.27 -6.30
CA ASP B 29 -12.45 37.70 -4.92
CA ASP B 29 -12.46 37.78 -4.90
C ASP B 29 -13.69 36.91 -4.71
N ALA B 30 -13.62 35.90 -3.84
CA ALA B 30 -14.79 35.18 -3.41
C ALA B 30 -15.16 35.70 -2.01
N ARG B 31 -16.44 35.95 -1.81
CA ARG B 31 -16.92 36.62 -0.60
C ARG B 31 -18.40 36.21 -0.44
N ILE B 32 -19.06 36.68 0.61
CA ILE B 32 -20.53 36.57 0.66
C ILE B 32 -21.08 38.00 0.59
N ASP B 33 -22.35 38.10 0.20
CA ASP B 33 -23.02 39.46 0.15
C ASP B 33 -24.51 39.19 0.15
N GLU B 34 -25.28 40.19 0.59
CA GLU B 34 -26.73 40.26 0.34
C GLU B 34 -26.94 41.10 -0.92
N ASN B 35 -28.12 40.96 -1.54
CA ASN B 35 -28.44 41.77 -2.73
C ASN B 35 -27.34 41.79 -3.75
N VAL B 36 -26.86 40.57 -4.03
CA VAL B 36 -25.78 40.36 -4.97
C VAL B 36 -26.11 40.97 -6.33
N THR B 37 -25.25 41.86 -6.81
CA THR B 37 -25.52 42.59 -8.05
CA THR B 37 -25.53 42.56 -8.06
C THR B 37 -24.25 42.56 -8.91
N PRO B 38 -24.32 42.03 -10.16
CA PRO B 38 -25.46 41.34 -10.76
C PRO B 38 -25.67 39.97 -9.99
N GLU B 39 -26.93 39.51 -9.97
CA GLU B 39 -27.29 38.30 -9.18
C GLU B 39 -26.51 37.10 -9.71
N MET B 40 -26.17 37.14 -10.98
CA MET B 40 -25.43 35.99 -11.57
C MET B 40 -24.04 35.76 -10.97
N ASP B 41 -23.48 36.77 -10.26
CA ASP B 41 -22.21 36.56 -9.56
C ASP B 41 -22.37 35.58 -8.39
N SER B 42 -23.61 35.30 -8.03
CA SER B 42 -23.88 34.30 -6.95
C SER B 42 -24.39 32.94 -7.51
N GLN B 43 -24.34 32.75 -8.83
CA GLN B 43 -24.81 31.48 -9.42
C GLN B 43 -23.65 30.61 -9.77
N TRP B 44 -23.71 29.32 -9.35
CA TRP B 44 -22.59 28.41 -9.52
C TRP B 44 -23.04 27.11 -10.16
N GLU B 45 -22.12 26.38 -10.80
CA GLU B 45 -22.36 25.01 -11.24
CA GLU B 45 -22.41 25.00 -11.18
C GLU B 45 -21.44 24.06 -10.45
N LEU B 46 -21.98 23.03 -9.82
CA LEU B 46 -21.10 22.00 -9.18
C LEU B 46 -20.84 21.00 -10.34
N VAL B 47 -19.57 20.83 -10.64
CA VAL B 47 -19.14 19.90 -11.68
C VAL B 47 -18.24 18.81 -11.01
N PRO B 48 -17.97 17.71 -11.74
CA PRO B 48 -17.08 16.67 -11.13
C PRO B 48 -15.77 17.30 -10.72
N GLY B 49 -15.19 16.84 -9.60
CA GLY B 49 -13.93 17.48 -9.11
C GLY B 49 -12.86 17.50 -10.22
N LEU B 50 -12.23 18.65 -10.42
CA LEU B 50 -11.12 18.70 -11.40
C LEU B 50 -9.97 17.79 -11.03
N ALA B 51 -9.79 17.49 -9.73
CA ALA B 51 -8.63 16.63 -9.29
C ALA B 51 -9.06 15.19 -8.97
N ASN B 52 -10.37 14.94 -8.95
CA ASN B 52 -10.84 13.61 -8.59
C ASN B 52 -12.35 13.53 -8.98
N SER B 53 -12.65 12.50 -9.71
CA SER B 53 -13.97 12.29 -10.35
C SER B 53 -14.85 11.43 -9.39
N GLY B 54 -14.38 11.12 -8.19
CA GLY B 54 -15.13 10.24 -7.25
C GLY B 54 -16.42 10.95 -6.81
N ASP B 55 -17.49 10.18 -6.57
CA ASP B 55 -18.71 10.82 -6.05
C ASP B 55 -18.43 11.55 -4.73
N GLY B 56 -18.99 12.74 -4.59
CA GLY B 56 -18.77 13.54 -3.37
C GLY B 56 -17.80 14.68 -3.65
N TYR B 57 -16.90 14.50 -4.62
CA TYR B 57 -15.94 15.58 -4.91
C TYR B 57 -16.48 16.44 -6.04
N VAL B 58 -16.35 17.74 -5.88
CA VAL B 58 -16.86 18.66 -6.91
C VAL B 58 -15.85 19.77 -7.11
N SER B 59 -16.04 20.51 -8.21
CA SER B 59 -15.40 21.82 -8.32
C SER B 59 -16.53 22.82 -8.59
N ILE B 60 -16.29 24.09 -8.26
CA ILE B 60 -17.40 25.02 -8.15
C ILE B 60 -17.14 26.10 -9.23
N GLN B 61 -17.88 25.99 -10.33
CA GLN B 61 -17.59 26.80 -11.50
C GLN B 61 -18.54 28.00 -11.54
N SER B 62 -18.00 29.18 -11.87
CA SER B 62 -18.90 30.37 -12.01
C SER B 62 -19.81 30.23 -13.27
N VAL B 63 -21.08 30.56 -13.10
CA VAL B 63 -22.02 30.52 -14.23
C VAL B 63 -21.74 31.65 -15.24
N ASN B 64 -21.40 32.83 -14.71
CA ASN B 64 -21.17 33.96 -15.63
C ASN B 64 -19.72 34.15 -16.04
N TYR B 65 -18.82 33.37 -15.45
CA TYR B 65 -17.42 33.24 -15.96
C TYR B 65 -17.09 31.78 -16.16
N PRO B 66 -17.61 31.19 -17.26
CA PRO B 66 -17.31 29.79 -17.51
C PRO B 66 -15.80 29.57 -17.55
N GLY B 67 -15.41 28.41 -17.06
CA GLY B 67 -13.98 28.02 -17.01
C GLY B 67 -13.25 28.65 -15.80
N TYR B 68 -13.94 29.47 -14.98
CA TYR B 68 -13.35 29.98 -13.76
C TYR B 68 -13.99 29.29 -12.56
N TYR B 69 -13.19 29.03 -11.52
CA TYR B 69 -13.64 28.19 -10.41
C TYR B 69 -13.18 28.79 -9.11
N LEU B 70 -13.86 28.45 -8.01
CA LEU B 70 -13.36 28.89 -6.71
C LEU B 70 -12.10 28.05 -6.42
N ARG B 71 -11.05 28.74 -6.00
CA ARG B 71 -9.76 28.06 -5.85
C ARG B 71 -9.10 28.70 -4.61
N HIS B 72 -8.45 27.92 -3.77
CA HIS B 72 -7.83 28.50 -2.57
C HIS B 72 -6.35 28.71 -2.81
N SER B 73 -5.83 29.83 -2.31
CA SER B 73 -4.36 30.07 -2.30
CA SER B 73 -4.36 30.02 -2.26
C SER B 73 -4.09 30.95 -1.08
N ASN B 74 -3.06 30.65 -0.31
CA ASN B 74 -2.71 31.46 0.94
C ASN B 74 -3.95 31.44 1.87
N TYR B 75 -4.68 30.34 1.80
CA TYR B 75 -5.91 30.08 2.60
C TYR B 75 -7.07 31.05 2.32
N ASP B 76 -6.97 31.82 1.23
CA ASP B 76 -8.06 32.70 0.79
C ASP B 76 -8.72 32.06 -0.41
N LEU B 77 -10.05 32.18 -0.59
CA LEU B 77 -10.70 31.66 -1.76
C LEU B 77 -10.89 32.76 -2.79
N SER B 78 -10.54 32.49 -4.01
CA SER B 78 -10.78 33.55 -5.04
C SER B 78 -11.40 32.83 -6.26
N LEU B 79 -11.84 33.61 -7.23
CA LEU B 79 -12.43 33.03 -8.47
C LEU B 79 -11.29 33.15 -9.51
N GLU B 80 -10.86 32.00 -10.06
CA GLU B 80 -9.69 32.05 -10.90
C GLU B 80 -9.95 31.17 -12.13
N LYS B 81 -9.38 31.60 -13.27
CA LYS B 81 -9.50 30.81 -14.47
C LYS B 81 -8.65 29.54 -14.38
N ASN B 82 -9.27 28.42 -14.75
CA ASN B 82 -8.55 27.14 -14.69
C ASN B 82 -7.35 27.21 -15.68
N ASP B 83 -6.13 26.99 -15.17
CA ASP B 83 -4.94 26.99 -16.01
C ASP B 83 -4.56 25.55 -16.43
N GLY B 84 -5.39 24.59 -16.05
CA GLY B 84 -5.26 23.23 -16.58
C GLY B 84 -4.32 22.39 -15.67
N THR B 85 -3.64 23.04 -14.68
CA THR B 85 -2.63 22.27 -13.87
C THR B 85 -3.26 21.38 -12.82
N SER B 86 -2.54 20.31 -12.44
CA SER B 86 -2.97 19.52 -11.33
C SER B 86 -2.97 20.35 -10.05
N LEU B 87 -2.07 21.31 -9.94
CA LEU B 87 -2.03 22.13 -8.66
C LEU B 87 -3.27 22.96 -8.54
N PHE B 88 -3.72 23.54 -9.65
CA PHE B 88 -5.02 24.29 -9.62
C PHE B 88 -6.11 23.36 -9.27
N ALA B 89 -6.15 22.20 -9.96
CA ALA B 89 -7.26 21.30 -9.72
C ALA B 89 -7.37 20.85 -8.24
N GLU B 90 -6.23 20.57 -7.61
CA GLU B 90 -6.25 20.13 -6.22
CA GLU B 90 -6.24 20.13 -6.21
C GLU B 90 -6.78 21.24 -5.30
N SER B 91 -6.45 22.47 -5.61
CA SER B 91 -6.90 23.58 -4.79
CA SER B 91 -6.88 23.60 -4.82
C SER B 91 -8.27 24.13 -5.20
N ALA B 92 -8.92 23.47 -6.15
CA ALA B 92 -10.26 23.85 -6.64
C ALA B 92 -11.18 22.67 -6.62
N THR B 93 -10.81 21.66 -5.82
CA THR B 93 -11.68 20.48 -5.65
C THR B 93 -12.08 20.42 -4.18
N PHE B 94 -13.34 20.09 -3.94
CA PHE B 94 -13.90 20.03 -2.55
C PHE B 94 -14.72 18.82 -2.38
N LYS B 95 -14.74 18.29 -1.16
CA LYS B 95 -15.71 17.21 -0.88
C LYS B 95 -16.95 17.87 -0.30
N ILE B 96 -18.16 17.51 -0.79
CA ILE B 96 -19.41 18.05 -0.24
CA ILE B 96 -19.33 18.13 -0.14
C ILE B 96 -19.76 17.13 0.97
N VAL B 97 -19.77 17.68 2.19
CA VAL B 97 -20.02 16.88 3.41
C VAL B 97 -21.25 17.46 4.14
N PRO B 98 -21.82 16.70 5.07
CA PRO B 98 -22.95 17.22 5.83
C PRO B 98 -22.53 18.50 6.50
N GLY B 99 -23.46 19.48 6.58
CA GLY B 99 -23.14 20.84 7.10
C GLY B 99 -22.55 20.72 8.55
N LEU B 100 -21.47 21.50 8.82
CA LEU B 100 -20.79 21.31 10.11
C LEU B 100 -21.69 21.77 11.28
N ALA B 101 -22.55 22.79 11.03
CA ALA B 101 -23.43 23.32 12.03
C ALA B 101 -24.81 22.58 12.05
N ASP B 102 -25.13 21.92 10.95
CA ASP B 102 -26.43 21.18 10.86
C ASP B 102 -26.29 20.25 9.66
N PRO B 103 -26.33 18.93 9.90
CA PRO B 103 -25.84 18.05 8.84
C PRO B 103 -26.83 17.98 7.64
N SER B 104 -28.02 18.61 7.76
CA SER B 104 -28.99 18.69 6.63
C SER B 104 -28.60 19.76 5.64
N TYR B 105 -27.63 20.59 6.00
CA TYR B 105 -27.09 21.59 5.09
C TYR B 105 -25.77 21.02 4.52
N ILE B 106 -24.98 21.83 3.83
CA ILE B 106 -23.68 21.34 3.31
C ILE B 106 -22.50 22.16 3.81
N SER B 107 -21.33 21.52 3.80
CA SER B 107 -20.05 22.24 3.96
C SER B 107 -19.08 21.72 2.89
N PHE B 108 -18.07 22.51 2.58
CA PHE B 108 -17.12 22.17 1.48
C PHE B 108 -15.77 21.94 2.10
N GLN B 109 -15.34 20.69 2.10
CA GLN B 109 -14.05 20.37 2.67
C GLN B 109 -13.00 20.36 1.57
N SER B 110 -11.84 20.96 1.84
CA SER B 110 -10.78 21.01 0.77
C SER B 110 -10.24 19.59 0.48
N TYR B 111 -10.07 19.29 -0.81
CA TYR B 111 -9.43 18.05 -1.24
C TYR B 111 -8.01 17.90 -0.73
N ASN B 112 -7.19 18.93 -0.91
CA ASN B 112 -5.76 18.81 -0.55
C ASN B 112 -5.43 19.22 0.89
N PHE B 113 -6.39 19.88 1.55
CA PHE B 113 -6.23 20.15 3.02
C PHE B 113 -7.55 19.71 3.68
N PRO B 114 -7.65 18.38 3.97
CA PRO B 114 -9.01 17.87 4.30
C PRO B 114 -9.50 18.20 5.72
N THR B 115 -8.67 18.91 6.54
CA THR B 115 -9.16 19.49 7.83
C THR B 115 -9.62 20.95 7.65
N ARG B 116 -9.62 21.50 6.42
CA ARG B 116 -10.05 22.88 6.19
C ARG B 116 -11.26 22.97 5.32
N TYR B 117 -12.06 24.02 5.56
CA TYR B 117 -13.38 24.13 4.95
C TYR B 117 -13.53 25.59 4.45
N ILE B 118 -14.29 25.71 3.40
CA ILE B 118 -14.71 27.06 2.96
C ILE B 118 -15.59 27.67 4.07
N ARG B 119 -15.23 28.88 4.45
CA ARG B 119 -16.05 29.57 5.47
C ARG B 119 -16.04 31.09 5.19
N HIS B 120 -17.11 31.77 5.62
CA HIS B 120 -17.07 33.22 5.58
C HIS B 120 -16.47 33.72 6.89
N TYR B 121 -15.55 34.66 6.76
CA TYR B 121 -14.92 35.40 7.91
C TYR B 121 -15.40 36.83 7.76
N ASN B 122 -16.48 37.17 8.48
CA ASN B 122 -17.32 38.36 8.13
C ASN B 122 -17.70 38.17 6.65
N TYR B 123 -17.45 39.15 5.79
CA TYR B 123 -17.84 39.00 4.35
C TYR B 123 -16.84 38.22 3.50
N LEU B 124 -15.62 38.01 4.03
CA LEU B 124 -14.56 37.33 3.22
C LEU B 124 -14.77 35.85 3.17
N LEU B 125 -14.38 35.20 2.07
CA LEU B 125 -14.46 33.76 2.02
C LEU B 125 -13.03 33.21 2.09
N ARG B 126 -12.78 32.29 3.03
CA ARG B 126 -11.45 31.84 3.46
CA ARG B 126 -11.44 31.82 3.27
C ARG B 126 -11.49 30.30 3.55
N LEU B 127 -10.33 29.66 3.67
CA LEU B 127 -10.30 28.19 3.84
C LEU B 127 -9.61 27.89 5.16
N ASP B 128 -10.38 27.58 6.19
CA ASP B 128 -9.85 27.52 7.54
C ASP B 128 -10.13 26.21 8.23
N GLU B 129 -9.32 25.92 9.26
CA GLU B 129 -9.66 24.84 10.22
C GLU B 129 -10.87 25.35 11.04
N ILE B 130 -11.69 24.43 11.53
CA ILE B 130 -12.98 24.84 12.11
C ILE B 130 -13.08 24.34 13.50
N VAL B 131 -13.08 25.27 14.48
CA VAL B 131 -12.91 24.96 15.89
C VAL B 131 -14.17 25.24 16.73
N THR B 132 -14.75 26.44 16.60
CA THR B 132 -15.86 26.86 17.48
C THR B 132 -17.23 26.65 16.79
N GLU B 133 -18.29 26.79 17.59
CA GLU B 133 -19.64 26.75 17.03
C GLU B 133 -19.79 27.85 15.97
N LEU B 134 -19.26 29.07 16.23
CA LEU B 134 -19.32 30.10 15.16
C LEU B 134 -18.58 29.68 13.87
N ASP B 135 -17.38 29.07 14.00
CA ASP B 135 -16.63 28.62 12.82
C ASP B 135 -17.53 27.61 12.06
N ARG B 136 -18.20 26.67 12.79
CA ARG B 136 -19.04 25.67 12.09
C ARG B 136 -20.19 26.33 11.33
N GLN B 137 -20.81 27.34 11.97
CA GLN B 137 -21.89 28.09 11.30
C GLN B 137 -21.36 28.84 10.08
N ASP B 138 -20.18 29.45 10.22
CA ASP B 138 -19.58 30.23 9.12
C ASP B 138 -19.17 29.31 7.93
N ALA B 139 -19.07 27.99 8.19
CA ALA B 139 -18.68 27.00 7.19
C ALA B 139 -19.87 26.17 6.68
N THR B 140 -21.07 26.58 7.04
CA THR B 140 -22.29 25.80 6.65
C THR B 140 -23.12 26.61 5.66
N PHE B 141 -23.60 25.96 4.61
CA PHE B 141 -24.35 26.68 3.58
C PHE B 141 -25.57 25.85 3.17
N LYS B 142 -26.58 26.58 2.69
CA LYS B 142 -27.75 25.91 2.18
C LYS B 142 -27.65 25.92 0.65
N ILE B 143 -27.83 24.77 0.02
CA ILE B 143 -27.88 24.80 -1.48
C ILE B 143 -29.27 25.20 -1.97
N ILE B 144 -29.35 26.26 -2.80
CA ILE B 144 -30.59 26.74 -3.38
C ILE B 144 -30.51 26.32 -4.84
N SER B 145 -31.27 25.33 -5.26
CA SER B 145 -30.92 24.71 -6.52
C SER B 145 -31.66 25.48 -7.56
N GLU B 146 -31.04 25.61 -8.73
CA GLU B 146 -31.77 26.16 -9.87
C GLU B 146 -32.18 25.12 -10.94
N THR C 9 10.95 16.91 -6.69
CA THR C 9 10.30 15.60 -6.31
C THR C 9 11.08 14.50 -7.09
N LYS C 10 11.79 13.60 -6.37
CA LYS C 10 12.16 12.23 -6.89
C LYS C 10 10.98 11.21 -7.10
N ALA C 11 10.86 10.65 -8.30
CA ALA C 11 9.64 9.87 -8.61
C ALA C 11 9.85 8.82 -9.71
N LYS C 12 8.99 7.78 -9.71
CA LYS C 12 8.87 6.94 -10.89
C LYS C 12 7.45 7.26 -11.45
N PHE C 13 7.24 6.99 -12.75
CA PHE C 13 5.93 7.18 -13.36
C PHE C 13 5.43 5.84 -13.91
N GLN C 14 4.39 5.30 -13.23
CA GLN C 14 3.81 4.04 -13.60
C GLN C 14 2.64 4.21 -14.56
N SER C 15 2.62 3.38 -15.61
CA SER C 15 1.57 3.48 -16.60
C SER C 15 0.21 3.14 -15.95
N TYR C 16 -0.82 3.93 -16.34
CA TYR C 16 -2.19 3.69 -15.87
C TYR C 16 -2.72 2.38 -16.38
N ASN C 17 -2.55 2.08 -17.70
CA ASN C 17 -3.14 0.86 -18.23
C ASN C 17 -2.23 -0.38 -18.18
N TYR C 18 -0.89 -0.19 -18.00
CA TYR C 18 -0.02 -1.33 -17.80
C TYR C 18 0.76 -1.11 -16.51
N PRO C 19 0.15 -1.41 -15.36
CA PRO C 19 0.63 -0.79 -14.10
C PRO C 19 1.90 -1.48 -13.53
N ASN C 20 2.43 -2.53 -14.20
CA ASN C 20 3.80 -2.99 -13.83
CA ASN C 20 3.78 -3.03 -13.87
C ASN C 20 4.90 -2.36 -14.71
N MET C 21 4.53 -1.38 -15.57
CA MET C 21 5.51 -0.73 -16.43
C MET C 21 5.71 0.74 -16.06
N TYR C 22 6.95 1.21 -16.26
CA TYR C 22 7.37 2.54 -15.83
C TYR C 22 8.12 3.24 -16.91
N ILE C 23 8.01 4.57 -16.90
CA ILE C 23 8.77 5.37 -17.86
C ILE C 23 10.29 5.19 -17.56
N ARG C 24 11.07 4.91 -18.57
CA ARG C 24 12.50 4.65 -18.34
C ARG C 24 13.29 5.07 -19.57
N HIS C 25 14.61 5.30 -19.41
CA HIS C 25 15.43 5.50 -20.59
C HIS C 25 16.28 4.29 -20.86
N ALA C 26 16.50 3.97 -22.15
CA ALA C 26 17.45 2.87 -22.54
C ALA C 26 18.09 3.32 -23.86
N ASN C 27 19.40 3.27 -23.99
CA ASN C 27 20.10 3.70 -25.24
CA ASN C 27 20.11 3.72 -25.24
C ASN C 27 19.69 5.17 -25.59
N PHE C 28 19.38 5.96 -24.54
CA PHE C 28 18.92 7.36 -24.66
C PHE C 28 17.55 7.50 -25.29
N ASP C 29 16.87 6.36 -25.53
CA ASP C 29 15.47 6.50 -25.94
C ASP C 29 14.57 6.50 -24.70
N ALA C 30 13.41 7.16 -24.78
CA ALA C 30 12.46 7.12 -23.68
C ALA C 30 11.35 6.09 -24.02
N ARG C 31 11.02 5.22 -23.05
CA ARG C 31 10.13 4.14 -23.30
C ARG C 31 9.49 3.73 -21.96
N ILE C 32 8.58 2.74 -21.99
CA ILE C 32 8.13 2.15 -20.73
C ILE C 32 8.65 0.73 -20.73
N ASP C 33 8.78 0.14 -19.54
CA ASP C 33 9.21 -1.24 -19.44
C ASP C 33 8.79 -1.77 -18.08
N GLU C 34 8.62 -3.09 -17.98
CA GLU C 34 8.52 -3.73 -16.68
C GLU C 34 9.93 -4.19 -16.26
N ASN C 35 10.09 -4.48 -14.96
CA ASN C 35 11.36 -5.01 -14.42
C ASN C 35 12.55 -4.21 -14.94
N VAL C 36 12.48 -2.92 -14.77
CA VAL C 36 13.47 -1.99 -15.36
C VAL C 36 14.85 -2.27 -14.74
N THR C 37 15.88 -2.53 -15.58
CA THR C 37 17.22 -2.90 -15.14
C THR C 37 18.24 -2.07 -15.93
N PRO C 38 19.10 -1.27 -15.24
CA PRO C 38 19.07 -1.07 -13.75
C PRO C 38 17.84 -0.22 -13.37
N GLU C 39 17.37 -0.42 -12.15
CA GLU C 39 16.14 0.23 -11.68
C GLU C 39 16.25 1.75 -11.78
N MET C 40 17.45 2.28 -11.61
CA MET C 40 17.63 3.74 -11.66
C MET C 40 17.32 4.36 -13.03
N ASP C 41 17.22 3.51 -14.09
CA ASP C 41 16.82 4.07 -15.37
C ASP C 41 15.33 4.51 -15.35
N SER C 42 14.60 4.11 -14.29
CA SER C 42 13.15 4.53 -14.17
C SER C 42 12.97 5.57 -13.02
N GLN C 43 14.06 6.12 -12.50
CA GLN C 43 14.01 7.18 -11.46
C GLN C 43 14.21 8.56 -12.05
N TRP C 44 13.31 9.50 -11.65
CA TRP C 44 13.28 10.83 -12.28
C TRP C 44 13.20 11.90 -11.20
N GLU C 45 13.66 13.09 -11.49
CA GLU C 45 13.45 14.21 -10.57
CA GLU C 45 13.45 14.20 -10.58
C GLU C 45 12.64 15.26 -11.34
N LEU C 46 11.51 15.68 -10.78
CA LEU C 46 10.73 16.77 -11.39
C LEU C 46 11.37 18.05 -10.83
N VAL C 47 11.83 18.88 -11.75
CA VAL C 47 12.43 20.20 -11.41
C VAL C 47 11.58 21.30 -12.06
N PRO C 48 11.75 22.56 -11.62
CA PRO C 48 10.95 23.64 -12.26
C PRO C 48 11.24 23.63 -13.78
N GLY C 49 10.20 23.95 -14.55
CA GLY C 49 10.27 23.89 -16.01
C GLY C 49 11.51 24.70 -16.51
N LEU C 50 12.32 24.10 -17.41
CA LEU C 50 13.46 24.81 -17.96
C LEU C 50 13.00 26.03 -18.76
N ALA C 51 11.84 25.93 -19.40
CA ALA C 51 11.36 27.07 -20.24
C ALA C 51 10.45 28.02 -19.41
N ASN C 52 9.95 27.56 -18.26
CA ASN C 52 9.04 28.39 -17.48
C ASN C 52 9.00 27.77 -16.09
N SER C 53 9.38 28.54 -15.08
CA SER C 53 9.50 27.94 -13.74
C SER C 53 8.17 28.19 -12.93
N GLY C 54 7.11 28.68 -13.61
CA GLY C 54 5.80 28.88 -12.98
C GLY C 54 5.27 27.56 -12.44
N ASP C 55 4.52 27.64 -11.33
CA ASP C 55 3.94 26.40 -10.75
C ASP C 55 3.10 25.65 -11.79
N GLY C 56 3.31 24.34 -11.84
CA GLY C 56 2.58 23.45 -12.73
C GLY C 56 3.44 23.04 -13.92
N TYR C 57 4.48 23.81 -14.22
CA TYR C 57 5.38 23.42 -15.31
C TYR C 57 6.62 22.77 -14.71
N VAL C 58 7.06 21.66 -15.29
CA VAL C 58 8.25 20.92 -14.81
C VAL C 58 9.14 20.53 -15.99
N SER C 59 10.40 20.18 -15.67
CA SER C 59 11.16 19.36 -16.61
C SER C 59 11.51 18.06 -15.86
N ILE C 60 11.85 16.98 -16.60
CA ILE C 60 11.85 15.62 -15.99
C ILE C 60 13.31 15.17 -16.18
N GLN C 61 14.08 15.25 -15.10
CA GLN C 61 15.54 15.00 -15.15
C GLN C 61 15.84 13.58 -14.72
N SER C 62 16.72 12.90 -15.48
CA SER C 62 17.11 11.55 -15.09
C SER C 62 17.97 11.59 -13.80
N VAL C 63 17.66 10.67 -12.88
CA VAL C 63 18.51 10.57 -11.64
C VAL C 63 19.92 10.02 -11.89
N ASN C 64 20.05 9.04 -12.80
CA ASN C 64 21.36 8.45 -13.06
C ASN C 64 22.01 9.05 -14.27
N TYR C 65 21.36 10.05 -14.92
CA TYR C 65 22.08 10.93 -15.93
C TYR C 65 21.79 12.35 -15.61
N PRO C 66 22.45 12.90 -14.54
CA PRO C 66 22.16 14.25 -14.15
C PRO C 66 22.44 15.19 -15.39
N GLY C 67 21.61 16.20 -15.53
CA GLY C 67 21.76 17.18 -16.57
C GLY C 67 21.06 16.73 -17.88
N TYR C 68 20.53 15.49 -17.88
CA TYR C 68 19.79 14.96 -19.04
C TYR C 68 18.31 14.94 -18.70
N TYR C 69 17.45 15.24 -19.70
CA TYR C 69 16.00 15.45 -19.45
C TYR C 69 15.24 14.74 -20.57
N LEU C 70 13.99 14.34 -20.30
CA LEU C 70 13.11 13.91 -21.37
C LEU C 70 12.76 15.12 -22.27
N ARG C 71 12.98 14.93 -23.57
CA ARG C 71 12.86 16.07 -24.50
C ARG C 71 12.24 15.48 -25.77
N HIS C 72 11.31 16.23 -26.38
CA HIS C 72 10.69 15.70 -27.60
C HIS C 72 11.30 16.30 -28.82
N SER C 73 11.37 15.51 -29.90
CA SER C 73 11.78 15.99 -31.21
C SER C 73 11.24 15.00 -32.26
N ASN C 74 10.81 15.49 -33.42
CA ASN C 74 9.98 14.64 -34.37
C ASN C 74 8.80 13.87 -33.67
N TYR C 75 8.25 14.49 -32.63
CA TYR C 75 7.23 13.89 -31.78
C TYR C 75 7.64 12.61 -31.02
N ASP C 76 8.94 12.34 -30.96
CA ASP C 76 9.44 11.19 -30.22
C ASP C 76 10.07 11.71 -28.93
N LEU C 77 9.95 11.04 -27.81
CA LEU C 77 10.61 11.52 -26.59
C LEU C 77 11.93 10.76 -26.44
N SER C 78 13.03 11.45 -26.08
CA SER C 78 14.27 10.73 -25.84
C SER C 78 14.90 11.38 -24.60
N LEU C 79 15.99 10.83 -24.13
CA LEU C 79 16.74 11.41 -22.98
C LEU C 79 17.93 12.14 -23.55
N GLU C 80 18.00 13.46 -23.30
CA GLU C 80 19.06 14.29 -23.91
C GLU C 80 19.65 15.27 -22.97
N LYS C 81 20.95 15.55 -23.17
CA LYS C 81 21.68 16.49 -22.29
C LYS C 81 21.19 17.90 -22.60
N ASN C 82 20.76 18.63 -21.58
CA ASN C 82 20.48 20.06 -21.79
C ASN C 82 21.64 20.81 -22.44
N ASP C 83 21.36 21.49 -23.55
CA ASP C 83 22.46 22.26 -24.23
C ASP C 83 22.28 23.76 -24.00
N GLY C 84 21.35 24.13 -23.10
CA GLY C 84 21.20 25.54 -22.74
C GLY C 84 20.30 26.32 -23.74
N THR C 85 19.77 25.68 -24.79
CA THR C 85 19.01 26.44 -25.84
C THR C 85 17.56 26.60 -25.44
N SER C 86 16.87 27.65 -25.96
CA SER C 86 15.47 27.79 -25.65
C SER C 86 14.62 26.73 -26.30
N LEU C 87 14.99 26.25 -27.48
CA LEU C 87 14.21 25.14 -28.04
C LEU C 87 14.27 23.88 -27.18
N PHE C 88 15.47 23.56 -26.68
CA PHE C 88 15.58 22.37 -25.78
C PHE C 88 14.67 22.57 -24.58
N ALA C 89 14.75 23.76 -24.00
CA ALA C 89 13.96 24.05 -22.79
C ALA C 89 12.48 23.86 -23.11
N GLU C 90 12.05 24.41 -24.23
CA GLU C 90 10.60 24.32 -24.55
C GLU C 90 10.14 22.94 -24.82
N SER C 91 11.00 22.17 -25.49
CA SER C 91 10.72 20.74 -25.81
C SER C 91 10.98 19.80 -24.66
N ALA C 92 11.42 20.35 -23.52
CA ALA C 92 11.69 19.51 -22.30
C ALA C 92 10.95 20.12 -21.12
N THR C 93 9.92 20.93 -21.45
CA THR C 93 9.02 21.48 -20.39
C THR C 93 7.62 20.94 -20.61
N PHE C 94 7.00 20.57 -19.49
CA PHE C 94 5.65 20.00 -19.54
C PHE C 94 4.81 20.58 -18.47
N LYS C 95 3.50 20.69 -18.77
CA LYS C 95 2.62 21.08 -17.69
C LYS C 95 2.05 19.78 -17.09
N ILE C 96 2.09 19.66 -15.77
CA ILE C 96 1.47 18.49 -15.18
CA ILE C 96 1.49 18.54 -15.07
C ILE C 96 -0.01 18.82 -14.93
N VAL C 97 -0.89 18.00 -15.56
CA VAL C 97 -2.32 18.22 -15.59
C VAL C 97 -3.02 16.99 -14.99
N PRO C 98 -4.27 17.13 -14.60
CA PRO C 98 -5.01 15.94 -14.13
C PRO C 98 -4.97 14.84 -15.18
N GLY C 99 -4.82 13.59 -14.72
CA GLY C 99 -4.66 12.49 -15.68
C GLY C 99 -5.82 12.48 -16.68
N LEU C 100 -5.47 12.30 -17.96
CA LEU C 100 -6.52 12.33 -19.00
C LEU C 100 -7.55 11.19 -18.87
N ALA C 101 -7.11 10.02 -18.38
CA ALA C 101 -8.03 8.92 -18.18
C ALA C 101 -8.65 8.91 -16.76
N ASP C 102 -8.06 9.63 -15.81
CA ASP C 102 -8.58 9.63 -14.41
C ASP C 102 -7.85 10.82 -13.79
N PRO C 103 -8.62 11.85 -13.37
CA PRO C 103 -7.94 13.13 -13.02
C PRO C 103 -7.14 13.05 -11.72
N SER C 104 -7.29 11.99 -10.95
CA SER C 104 -6.47 11.77 -9.73
C SER C 104 -5.04 11.29 -10.09
N TYR C 105 -4.80 10.86 -11.34
CA TYR C 105 -3.48 10.53 -11.77
C TYR C 105 -2.90 11.80 -12.47
N ILE C 106 -1.83 11.66 -13.25
CA ILE C 106 -1.25 12.78 -13.94
C ILE C 106 -1.01 12.51 -15.42
N SER C 107 -1.04 13.62 -16.21
CA SER C 107 -0.58 13.56 -17.58
C SER C 107 0.38 14.73 -17.80
N PHE C 108 1.21 14.64 -18.84
CA PHE C 108 2.28 15.63 -19.06
C PHE C 108 1.96 16.32 -20.41
N GLN C 109 1.53 17.57 -20.36
CA GLN C 109 1.13 18.27 -21.62
C GLN C 109 2.37 19.04 -22.08
N SER C 110 2.65 19.03 -23.38
CA SER C 110 3.87 19.73 -23.82
C SER C 110 3.69 21.26 -23.69
N TYR C 111 4.79 21.90 -23.33
CA TYR C 111 4.77 23.35 -23.21
C TYR C 111 4.62 24.05 -24.60
N ASN C 112 5.41 23.61 -25.60
CA ASN C 112 5.38 24.27 -26.90
C ASN C 112 4.30 23.69 -27.84
N PHE C 113 3.79 22.48 -27.55
CA PHE C 113 2.64 21.89 -28.29
C PHE C 113 1.53 21.49 -27.30
N PRO C 114 0.74 22.47 -26.84
CA PRO C 114 -0.12 22.19 -25.62
C PRO C 114 -1.35 21.31 -25.88
N THR C 115 -1.54 20.87 -27.13
CA THR C 115 -2.53 19.86 -27.39
C THR C 115 -1.91 18.46 -27.43
N ARG C 116 -0.59 18.36 -27.24
CA ARG C 116 0.08 17.04 -27.24
C ARG C 116 0.57 16.64 -25.88
N TYR C 117 0.58 15.32 -25.65
CA TYR C 117 0.93 14.77 -24.34
C TYR C 117 1.90 13.64 -24.47
N ILE C 118 2.66 13.47 -23.42
CA ILE C 118 3.58 12.29 -23.38
C ILE C 118 2.64 11.05 -23.33
N ARG C 119 2.86 10.08 -24.22
CA ARG C 119 2.04 8.84 -24.15
C ARG C 119 2.90 7.63 -24.52
N HIS C 120 2.57 6.45 -24.02
CA HIS C 120 3.30 5.31 -24.54
C HIS C 120 2.53 4.78 -25.78
N TYR C 121 3.26 4.48 -26.83
CA TYR C 121 2.69 3.91 -28.05
C TYR C 121 3.29 2.52 -28.08
N ASN C 122 2.51 1.54 -27.56
CA ASN C 122 3.15 0.25 -27.15
C ASN C 122 4.24 0.61 -26.14
N TYR C 123 5.48 0.16 -26.37
CA TYR C 123 6.55 0.46 -25.37
C TYR C 123 7.21 1.82 -25.62
N LEU C 124 6.95 2.42 -26.78
CA LEU C 124 7.68 3.71 -27.11
C LEU C 124 7.02 4.91 -26.47
N LEU C 125 7.77 5.90 -26.02
CA LEU C 125 7.19 7.10 -25.54
C LEU C 125 7.27 8.18 -26.62
N ARG C 126 6.13 8.76 -26.92
CA ARG C 126 6.03 9.75 -28.02
CA ARG C 126 5.84 9.64 -28.10
C ARG C 126 5.13 10.90 -27.56
N LEU C 127 5.04 11.96 -28.36
CA LEU C 127 4.29 13.15 -27.95
C LEU C 127 3.17 13.30 -28.99
N ASP C 128 1.97 12.89 -28.61
CA ASP C 128 0.82 12.80 -29.55
C ASP C 128 -0.39 13.58 -29.12
N GLU C 129 -1.24 13.92 -30.10
CA GLU C 129 -2.60 14.38 -29.79
C GLU C 129 -3.36 13.19 -29.28
N ILE C 130 -4.33 13.41 -28.41
CA ILE C 130 -4.95 12.31 -27.65
C ILE C 130 -6.44 12.32 -27.97
N VAL C 131 -6.92 11.28 -28.65
CA VAL C 131 -8.28 11.28 -29.25
C VAL C 131 -9.20 10.24 -28.56
N THR C 132 -8.71 9.02 -28.43
CA THR C 132 -9.60 7.92 -27.98
C THR C 132 -9.39 7.58 -26.48
N GLU C 133 -10.26 6.71 -25.94
CA GLU C 133 -10.09 6.28 -24.54
C GLU C 133 -8.72 5.61 -24.33
N LEU C 134 -8.28 4.77 -25.27
CA LEU C 134 -6.98 4.13 -25.06
C LEU C 134 -5.87 5.15 -25.18
N ASP C 135 -6.00 6.13 -26.11
CA ASP C 135 -5.00 7.22 -26.10
C ASP C 135 -4.93 7.91 -24.72
N ARG C 136 -6.11 8.24 -24.12
CA ARG C 136 -6.05 8.89 -22.80
C ARG C 136 -5.40 8.01 -21.79
N GLN C 137 -5.69 6.70 -21.82
CA GLN C 137 -4.99 5.79 -20.84
C GLN C 137 -3.48 5.69 -21.07
N ASP C 138 -3.08 5.70 -22.34
CA ASP C 138 -1.63 5.66 -22.73
C ASP C 138 -0.93 6.93 -22.32
N ALA C 139 -1.68 8.02 -22.08
CA ALA C 139 -1.11 9.30 -21.64
C ALA C 139 -1.28 9.55 -20.13
N THR C 140 -1.72 8.57 -19.37
CA THR C 140 -1.97 8.79 -17.94
C THR C 140 -0.95 7.97 -17.13
N PHE C 141 -0.37 8.60 -16.09
CA PHE C 141 0.62 7.89 -15.26
C PHE C 141 0.33 8.16 -13.80
N LYS C 142 0.82 7.24 -12.96
CA LYS C 142 0.71 7.41 -11.51
C LYS C 142 2.12 7.86 -11.03
N ILE C 143 2.19 8.93 -10.22
CA ILE C 143 3.52 9.25 -9.63
C ILE C 143 3.76 8.41 -8.42
N ILE C 144 4.92 7.74 -8.41
CA ILE C 144 5.35 6.90 -7.26
C ILE C 144 6.47 7.69 -6.60
N SER C 145 6.23 8.23 -5.42
CA SER C 145 7.21 9.24 -4.97
C SER C 145 8.28 8.51 -4.17
N ILE D 8 37.34 -14.62 -10.36
CA ILE D 8 38.21 -14.08 -11.48
C ILE D 8 39.69 -13.75 -11.03
N THR D 9 39.89 -12.83 -10.08
CA THR D 9 41.27 -12.49 -9.66
C THR D 9 41.30 -11.97 -8.21
N LYS D 10 42.35 -12.34 -7.43
CA LYS D 10 42.72 -11.69 -6.13
C LYS D 10 43.69 -10.45 -6.19
N ALA D 11 43.30 -9.27 -5.67
CA ALA D 11 44.03 -8.07 -6.05
C ALA D 11 43.96 -6.97 -4.98
N LYS D 12 44.90 -6.03 -5.05
CA LYS D 12 44.76 -4.75 -4.35
C LYS D 12 44.59 -3.63 -5.40
N PHE D 13 44.02 -2.49 -5.01
CA PHE D 13 43.84 -1.37 -5.93
C PHE D 13 44.55 -0.14 -5.37
N GLN D 14 45.59 0.25 -6.06
CA GLN D 14 46.47 1.30 -5.53
C GLN D 14 46.08 2.63 -6.20
N SER D 15 46.03 3.69 -5.38
CA SER D 15 45.61 4.98 -5.95
C SER D 15 46.66 5.54 -6.92
N TYR D 16 46.16 6.15 -8.01
CA TYR D 16 47.05 6.76 -9.04
C TYR D 16 47.82 7.95 -8.47
N ASN D 17 47.12 8.82 -7.75
CA ASN D 17 47.80 10.04 -7.27
C ASN D 17 48.39 9.92 -5.87
N TYR D 18 48.00 8.90 -5.06
CA TYR D 18 48.67 8.64 -3.77
C TYR D 18 49.07 7.15 -3.80
N PRO D 19 50.22 6.86 -4.46
CA PRO D 19 50.50 5.48 -4.82
C PRO D 19 50.95 4.56 -3.70
N ASN D 20 51.02 5.08 -2.46
CA ASN D 20 51.27 4.22 -1.29
C ASN D 20 49.93 3.83 -0.60
N MET D 21 48.81 4.29 -1.19
CA MET D 21 47.52 4.06 -0.62
C MET D 21 46.69 3.10 -1.44
N TYR D 22 45.82 2.36 -0.74
CA TYR D 22 45.03 1.30 -1.31
C TYR D 22 43.62 1.33 -0.83
N ILE D 23 42.73 0.82 -1.70
CA ILE D 23 41.34 0.65 -1.32
C ILE D 23 41.21 -0.41 -0.22
N ARG D 24 40.55 -0.04 0.89
CA ARG D 24 40.41 -1.00 2.01
C ARG D 24 39.10 -0.82 2.74
N HIS D 25 38.68 -1.88 3.45
CA HIS D 25 37.46 -1.66 4.33
C HIS D 25 37.96 -1.54 5.75
N ALA D 26 37.24 -0.75 6.56
CA ALA D 26 37.53 -0.67 8.01
C ALA D 26 36.20 -0.32 8.67
N ASN D 27 35.79 -1.07 9.65
CA ASN D 27 34.55 -0.72 10.39
C ASN D 27 33.34 -0.72 9.41
N PHE D 28 33.42 -1.62 8.39
CA PHE D 28 32.49 -1.64 7.25
C PHE D 28 32.50 -0.40 6.35
N ASP D 29 33.34 0.59 6.62
CA ASP D 29 33.39 1.71 5.65
CA ASP D 29 33.49 1.78 5.79
C ASP D 29 34.50 1.42 4.66
N ALA D 30 34.34 1.99 3.46
CA ALA D 30 35.34 1.80 2.39
C ALA D 30 36.12 3.12 2.27
N ARG D 31 37.45 3.05 2.21
CA ARG D 31 38.30 4.20 2.28
C ARG D 31 39.62 3.81 1.64
N ILE D 32 40.56 4.75 1.50
CA ILE D 32 41.91 4.36 1.15
C ILE D 32 42.79 4.59 2.35
N ASP D 33 43.87 3.78 2.50
CA ASP D 33 44.85 4.02 3.57
C ASP D 33 46.22 3.50 3.12
N GLU D 34 47.27 3.97 3.77
CA GLU D 34 48.59 3.37 3.60
C GLU D 34 48.80 2.41 4.78
N ASN D 35 49.78 1.50 4.68
CA ASN D 35 50.06 0.62 5.80
C ASN D 35 48.79 -0.14 6.30
N VAL D 36 48.00 -0.62 5.38
CA VAL D 36 46.70 -1.19 5.75
C VAL D 36 46.92 -2.40 6.65
N THR D 37 46.31 -2.40 7.84
CA THR D 37 46.54 -3.43 8.83
C THR D 37 45.17 -3.82 9.38
N PRO D 38 44.80 -5.12 9.28
CA PRO D 38 45.61 -6.22 8.66
C PRO D 38 45.60 -6.07 7.12
N GLU D 39 46.64 -6.52 6.43
CA GLU D 39 46.71 -6.29 4.96
C GLU D 39 45.52 -6.89 4.21
N MET D 40 44.89 -7.93 4.77
CA MET D 40 43.66 -8.55 4.20
CA MET D 40 43.73 -8.52 4.11
C MET D 40 42.52 -7.56 3.96
N ASP D 41 42.51 -6.48 4.74
CA ASP D 41 41.44 -5.44 4.53
C ASP D 41 41.57 -4.73 3.21
N SER D 42 42.73 -4.83 2.55
CA SER D 42 42.93 -4.26 1.24
C SER D 42 43.02 -5.29 0.09
N GLN D 43 42.68 -6.53 0.38
CA GLN D 43 42.66 -7.55 -0.65
C GLN D 43 41.25 -7.87 -1.05
N TRP D 44 41.08 -8.03 -2.36
CA TRP D 44 39.75 -8.08 -3.00
C TRP D 44 39.77 -9.19 -4.05
N GLU D 45 38.62 -9.81 -4.23
CA GLU D 45 38.39 -10.81 -5.29
CA GLU D 45 38.38 -10.80 -5.28
C GLU D 45 37.43 -10.18 -6.28
N LEU D 46 37.87 -10.07 -7.52
CA LEU D 46 36.96 -9.61 -8.56
C LEU D 46 36.17 -10.86 -9.01
N VAL D 47 34.84 -10.77 -8.95
CA VAL D 47 33.96 -11.89 -9.33
C VAL D 47 33.05 -11.32 -10.44
N PRO D 48 32.36 -12.21 -11.20
CA PRO D 48 31.41 -11.73 -12.20
C PRO D 48 30.37 -10.81 -11.52
N GLY D 49 29.94 -9.75 -12.20
CA GLY D 49 29.06 -8.72 -11.57
C GLY D 49 27.76 -9.34 -11.07
N LEU D 50 27.37 -9.01 -9.84
CA LEU D 50 26.16 -9.59 -9.26
C LEU D 50 24.95 -9.22 -10.06
N ALA D 51 24.99 -8.05 -10.69
CA ALA D 51 23.82 -7.62 -11.48
C ALA D 51 23.99 -7.98 -12.98
N ASN D 52 25.24 -8.08 -13.48
CA ASN D 52 25.54 -8.44 -14.89
C ASN D 52 26.87 -9.20 -14.90
N SER D 53 26.86 -10.47 -15.34
CA SER D 53 28.05 -11.34 -15.31
C SER D 53 29.00 -11.27 -16.55
N GLY D 54 28.61 -10.57 -17.64
CA GLY D 54 29.47 -10.33 -18.82
C GLY D 54 29.86 -8.86 -19.02
N ASP D 55 30.29 -8.51 -20.24
CA ASP D 55 30.38 -7.12 -20.68
C ASP D 55 31.43 -6.29 -19.89
N GLY D 56 32.40 -6.94 -19.26
CA GLY D 56 33.40 -6.18 -18.49
C GLY D 56 32.93 -5.77 -17.08
N TYR D 57 31.71 -6.25 -16.70
CA TYR D 57 31.08 -6.05 -15.28
C TYR D 57 31.57 -7.01 -14.15
N VAL D 58 31.99 -6.40 -13.05
CA VAL D 58 32.52 -7.17 -11.90
C VAL D 58 31.80 -6.75 -10.62
N SER D 59 31.90 -7.59 -9.59
CA SER D 59 31.66 -7.12 -8.21
C SER D 59 32.96 -7.37 -7.46
N ILE D 60 33.12 -6.70 -6.35
CA ILE D 60 34.42 -6.60 -5.71
C ILE D 60 34.19 -7.16 -4.30
N GLN D 61 34.63 -8.39 -4.06
CA GLN D 61 34.32 -9.10 -2.82
C GLN D 61 35.52 -9.03 -1.88
N SER D 62 35.26 -8.82 -0.59
CA SER D 62 36.30 -8.86 0.44
C SER D 62 36.88 -10.30 0.58
N VAL D 63 38.21 -10.36 0.71
CA VAL D 63 38.92 -11.63 0.94
C VAL D 63 38.71 -12.07 2.39
N ASN D 64 38.77 -11.13 3.34
CA ASN D 64 38.66 -11.56 4.78
C ASN D 64 37.20 -11.62 5.29
N TYR D 65 36.33 -10.92 4.58
CA TYR D 65 34.86 -10.96 4.81
C TYR D 65 34.13 -11.56 3.62
N PRO D 66 34.23 -12.88 3.42
CA PRO D 66 33.55 -13.44 2.23
C PRO D 66 32.05 -13.21 2.31
N GLY D 67 31.46 -12.94 1.16
CA GLY D 67 30.05 -12.62 1.10
C GLY D 67 29.74 -11.15 1.28
N TYR D 68 30.79 -10.34 1.46
CA TYR D 68 30.65 -8.89 1.58
C TYR D 68 31.33 -8.23 0.42
N TYR D 69 30.68 -7.18 -0.08
CA TYR D 69 31.13 -6.54 -1.34
C TYR D 69 31.17 -5.04 -1.19
N LEU D 70 32.03 -4.39 -1.96
CA LEU D 70 31.92 -2.92 -2.04
C LEU D 70 30.61 -2.54 -2.74
N ARG D 71 29.87 -1.62 -2.11
CA ARG D 71 28.52 -1.27 -2.61
C ARG D 71 28.34 0.23 -2.29
N HIS D 72 27.67 0.98 -3.17
CA HIS D 72 27.42 2.38 -2.91
C HIS D 72 26.01 2.61 -2.44
N SER D 73 25.84 3.64 -1.61
CA SER D 73 24.50 3.99 -1.07
C SER D 73 24.64 5.43 -0.64
N ASN D 74 23.68 6.28 -0.93
CA ASN D 74 23.95 7.76 -0.84
C ASN D 74 25.27 8.30 -1.42
N TYR D 75 25.69 7.69 -2.53
CA TYR D 75 26.93 7.92 -3.25
C TYR D 75 28.19 7.73 -2.36
N ASP D 76 28.03 7.02 -1.24
CA ASP D 76 29.24 6.67 -0.46
CA ASP D 76 29.16 6.63 -0.34
C ASP D 76 29.46 5.16 -0.64
N LEU D 77 30.71 4.74 -0.71
CA LEU D 77 30.99 3.32 -0.82
C LEU D 77 31.20 2.71 0.54
N SER D 78 30.67 1.49 0.78
CA SER D 78 30.97 0.89 2.06
C SER D 78 31.02 -0.64 1.79
N LEU D 79 31.34 -1.43 2.80
CA LEU D 79 31.34 -2.87 2.60
C LEU D 79 30.05 -3.44 3.17
N GLU D 80 29.27 -4.13 2.34
CA GLU D 80 27.94 -4.60 2.79
C GLU D 80 27.78 -6.06 2.46
N LYS D 81 26.95 -6.74 3.24
CA LYS D 81 26.78 -8.17 3.10
C LYS D 81 25.73 -8.44 2.02
N ASN D 82 26.11 -9.22 1.02
CA ASN D 82 25.12 -9.58 -0.03
C ASN D 82 23.93 -10.33 0.53
N ASP D 83 22.73 -9.91 0.15
CA ASP D 83 21.54 -10.61 0.60
C ASP D 83 20.82 -11.27 -0.58
N GLY D 84 21.49 -11.35 -1.74
CA GLY D 84 20.86 -12.01 -2.88
C GLY D 84 19.90 -11.18 -3.75
N THR D 85 19.66 -9.91 -3.42
CA THR D 85 18.60 -9.12 -4.11
C THR D 85 19.14 -8.29 -5.26
N SER D 86 18.28 -7.84 -6.18
CA SER D 86 18.79 -6.98 -7.27
C SER D 86 19.13 -5.59 -6.72
N LEU D 87 18.38 -5.15 -5.72
CA LEU D 87 18.67 -3.87 -5.04
C LEU D 87 20.12 -3.88 -4.53
N PHE D 88 20.48 -4.97 -3.82
CA PHE D 88 21.87 -5.09 -3.41
C PHE D 88 22.81 -5.05 -4.64
N ALA D 89 22.48 -5.90 -5.62
CA ALA D 89 23.40 -6.22 -6.73
C ALA D 89 23.69 -4.97 -7.61
N GLU D 90 22.67 -4.21 -7.94
CA GLU D 90 22.92 -3.13 -8.91
C GLU D 90 23.84 -2.06 -8.39
N SER D 91 23.87 -1.85 -7.05
CA SER D 91 24.78 -0.83 -6.46
C SER D 91 26.13 -1.46 -6.02
N ALA D 92 26.31 -2.74 -6.34
CA ALA D 92 27.58 -3.43 -6.04
C ALA D 92 28.20 -4.05 -7.32
N THR D 93 27.81 -3.55 -8.47
CA THR D 93 28.35 -4.03 -9.73
C THR D 93 28.99 -2.85 -10.47
N PHE D 94 30.20 -3.08 -11.01
CA PHE D 94 31.03 -1.97 -11.64
C PHE D 94 31.64 -2.47 -12.93
N LYS D 95 31.78 -1.59 -13.90
CA LYS D 95 32.50 -1.93 -15.13
C LYS D 95 33.97 -1.45 -15.01
N ILE D 96 34.95 -2.34 -15.28
CA ILE D 96 36.35 -1.88 -15.23
C ILE D 96 36.64 -1.28 -16.61
N VAL D 97 37.02 0.00 -16.58
CA VAL D 97 37.24 0.72 -17.85
C VAL D 97 38.65 1.32 -17.82
N PRO D 98 39.16 1.79 -18.98
CA PRO D 98 40.45 2.47 -18.96
C PRO D 98 40.48 3.63 -17.94
N GLY D 99 41.62 3.73 -17.23
CA GLY D 99 41.74 4.73 -16.15
C GLY D 99 41.47 6.14 -16.65
N LEU D 100 40.65 6.89 -15.93
CA LEU D 100 40.21 8.17 -16.49
C LEU D 100 41.40 9.13 -16.61
N ALA D 101 42.40 9.04 -15.69
CA ALA D 101 43.59 9.91 -15.75
C ALA D 101 44.71 9.34 -16.61
N ASP D 102 44.59 8.05 -16.97
CA ASP D 102 45.66 7.38 -17.72
C ASP D 102 45.11 6.02 -18.12
N PRO D 103 44.94 5.83 -19.41
CA PRO D 103 44.24 4.61 -19.91
C PRO D 103 45.00 3.29 -19.67
N SER D 104 46.26 3.33 -19.23
CA SER D 104 46.97 2.10 -18.78
C SER D 104 46.63 1.67 -17.34
N TYR D 105 45.96 2.56 -16.58
CA TYR D 105 45.43 2.21 -15.25
C TYR D 105 43.94 1.87 -15.44
N ILE D 106 43.18 1.75 -14.33
CA ILE D 106 41.77 1.35 -14.51
C ILE D 106 40.90 2.35 -13.68
N SER D 107 39.60 2.34 -14.02
CA SER D 107 38.59 3.07 -13.21
C SER D 107 37.37 2.13 -13.12
N PHE D 108 36.52 2.35 -12.11
CA PHE D 108 35.35 1.51 -11.88
C PHE D 108 34.10 2.35 -12.10
N GLN D 109 33.40 2.08 -13.20
CA GLN D 109 32.20 2.80 -13.54
C GLN D 109 31.01 2.09 -12.94
N SER D 110 30.14 2.82 -12.24
CA SER D 110 28.96 2.13 -11.70
C SER D 110 27.97 1.58 -12.80
N TYR D 111 27.45 0.38 -12.54
CA TYR D 111 26.42 -0.24 -13.38
C TYR D 111 25.13 0.57 -13.42
N ASN D 112 24.65 1.05 -12.26
CA ASN D 112 23.37 1.75 -12.28
C ASN D 112 23.49 3.28 -12.36
N PHE D 113 24.73 3.78 -12.19
CA PHE D 113 25.03 5.21 -12.42
C PHE D 113 26.21 5.31 -13.38
N PRO D 114 25.93 5.25 -14.67
CA PRO D 114 27.05 5.05 -15.61
C PRO D 114 27.90 6.26 -15.85
N THR D 115 27.50 7.41 -15.30
CA THR D 115 28.42 8.60 -15.30
C THR D 115 29.24 8.71 -14.04
N ARG D 116 29.08 7.76 -13.11
CA ARG D 116 29.75 7.96 -11.82
C ARG D 116 30.74 6.85 -11.60
N TYR D 117 31.80 7.16 -10.82
CA TYR D 117 32.93 6.27 -10.67
C TYR D 117 33.33 6.19 -9.25
N ILE D 118 33.93 5.06 -8.84
CA ILE D 118 34.49 4.94 -7.53
C ILE D 118 35.71 5.94 -7.48
N ARG D 119 35.70 6.81 -6.48
CA ARG D 119 36.81 7.79 -6.41
C ARG D 119 37.14 8.06 -4.95
N HIS D 120 38.42 8.32 -4.61
CA HIS D 120 38.68 8.70 -3.23
C HIS D 120 38.50 10.22 -3.10
N TYR D 121 37.75 10.62 -2.10
CA TYR D 121 37.55 12.06 -1.80
C TYR D 121 38.38 12.20 -0.55
N ASN D 122 39.61 12.72 -0.69
CA ASN D 122 40.59 12.57 0.38
CA ASN D 122 40.74 12.47 0.29
C ASN D 122 40.70 11.02 0.69
N TYR D 123 40.48 10.66 1.97
CA TYR D 123 40.55 9.17 2.31
C TYR D 123 39.25 8.39 2.05
N LEU D 124 38.14 9.10 1.89
CA LEU D 124 36.83 8.45 1.77
C LEU D 124 36.61 7.94 0.39
N LEU D 125 35.85 6.85 0.23
CA LEU D 125 35.55 6.36 -1.11
CA LEU D 125 35.57 6.33 -1.08
C LEU D 125 34.08 6.67 -1.37
N ARG D 126 33.84 7.29 -2.50
CA ARG D 126 32.48 7.73 -2.84
CA ARG D 126 32.56 7.96 -2.89
C ARG D 126 32.27 7.45 -4.30
N LEU D 127 31.04 7.62 -4.77
CA LEU D 127 30.74 7.34 -6.17
C LEU D 127 30.32 8.67 -6.81
N ASP D 128 31.23 9.32 -7.57
CA ASP D 128 31.02 10.71 -8.04
C ASP D 128 31.05 10.81 -9.56
N GLU D 129 30.42 11.89 -10.07
CA GLU D 129 30.71 12.31 -11.41
C GLU D 129 32.09 12.92 -11.45
N ILE D 130 32.74 12.84 -12.61
CA ILE D 130 34.17 13.18 -12.67
C ILE D 130 34.39 14.29 -13.67
N VAL D 131 34.83 15.45 -13.18
CA VAL D 131 34.85 16.69 -14.00
C VAL D 131 36.25 17.18 -14.25
N THR D 132 37.04 17.30 -13.19
CA THR D 132 38.33 17.98 -13.31
C THR D 132 39.47 16.92 -13.37
N GLU D 133 40.68 17.42 -13.61
CA GLU D 133 41.82 16.53 -13.71
C GLU D 133 42.08 15.82 -12.35
N LEU D 134 42.03 16.55 -11.22
CA LEU D 134 42.15 15.85 -9.94
C LEU D 134 41.01 14.83 -9.71
N ASP D 135 39.77 15.11 -10.16
CA ASP D 135 38.68 14.12 -10.03
C ASP D 135 39.11 12.81 -10.82
N ARG D 136 39.61 13.00 -12.04
CA ARG D 136 40.04 11.86 -12.86
C ARG D 136 41.13 11.07 -12.11
N GLN D 137 42.11 11.80 -11.53
CA GLN D 137 43.15 11.08 -10.81
C GLN D 137 42.62 10.35 -9.54
N ASP D 138 41.72 11.00 -8.82
CA ASP D 138 41.05 10.36 -7.63
C ASP D 138 40.25 9.11 -7.98
N ALA D 139 39.89 8.95 -9.29
CA ALA D 139 39.06 7.80 -9.75
C ALA D 139 39.91 6.82 -10.57
N THR D 140 41.21 6.98 -10.50
CA THR D 140 42.12 6.05 -11.26
C THR D 140 42.89 5.18 -10.29
N PHE D 141 42.97 3.89 -10.60
CA PHE D 141 43.69 2.93 -9.73
C PHE D 141 44.51 1.93 -10.51
N LYS D 142 45.55 1.37 -9.87
CA LYS D 142 46.42 0.35 -10.52
C LYS D 142 46.01 -0.98 -9.86
N ILE D 143 45.80 -2.00 -10.66
CA ILE D 143 45.56 -3.35 -10.11
C ILE D 143 46.89 -3.98 -9.71
N ILE D 144 47.02 -4.41 -8.45
CA ILE D 144 48.23 -5.09 -8.01
C ILE D 144 47.84 -6.53 -7.68
N SER D 145 48.37 -7.52 -8.41
CA SER D 145 47.91 -8.90 -8.18
C SER D 145 48.88 -9.64 -7.31
N PRO E 7 -8.64 -32.39 -34.82
CA PRO E 7 -8.14 -31.02 -34.49
C PRO E 7 -6.95 -30.61 -35.36
N ILE E 8 -6.89 -29.34 -35.72
CA ILE E 8 -5.99 -28.86 -36.74
C ILE E 8 -4.54 -28.73 -36.18
N THR E 9 -4.36 -27.97 -35.11
CA THR E 9 -3.05 -27.82 -34.45
C THR E 9 -3.25 -27.42 -33.00
N LYS E 10 -2.16 -27.53 -32.24
CA LYS E 10 -2.09 -26.96 -30.91
C LYS E 10 -1.15 -25.72 -30.95
N ALA E 11 -1.51 -24.64 -30.27
CA ALA E 11 -0.70 -23.39 -30.39
C ALA E 11 -0.88 -22.47 -29.20
N LYS E 12 0.04 -21.48 -29.06
CA LYS E 12 -0.28 -20.32 -28.25
C LYS E 12 -0.39 -19.13 -29.23
N PHE E 13 -0.97 -18.04 -28.75
CA PHE E 13 -1.18 -16.86 -29.66
C PHE E 13 -0.49 -15.70 -28.95
N GLN E 14 0.58 -15.21 -29.54
CA GLN E 14 1.43 -14.18 -28.89
C GLN E 14 1.03 -12.79 -29.49
N SER E 15 0.85 -11.78 -28.61
CA SER E 15 0.42 -10.42 -29.07
C SER E 15 1.53 -9.86 -30.03
N TYR E 16 1.09 -9.23 -31.13
CA TYR E 16 1.99 -8.51 -32.08
C TYR E 16 2.70 -7.37 -31.40
N ASN E 17 1.97 -6.55 -30.62
CA ASN E 17 2.59 -5.32 -30.05
C ASN E 17 3.12 -5.48 -28.62
N TYR E 18 2.69 -6.55 -27.94
CA TYR E 18 3.26 -6.90 -26.61
C TYR E 18 3.74 -8.35 -26.70
N PRO E 19 4.93 -8.57 -27.34
CA PRO E 19 5.27 -9.92 -27.75
C PRO E 19 5.68 -10.92 -26.62
N ASN E 20 5.65 -10.51 -25.34
CA ASN E 20 5.80 -11.49 -24.19
C ASN E 20 4.46 -11.86 -23.58
N MET E 21 3.37 -11.41 -24.22
CA MET E 21 2.04 -11.74 -23.72
C MET E 21 1.29 -12.65 -24.66
N TYR E 22 0.39 -13.47 -24.06
CA TYR E 22 -0.31 -14.51 -24.79
C TYR E 22 -1.75 -14.54 -24.40
N ILE E 23 -2.59 -14.97 -25.35
CA ILE E 23 -3.99 -15.13 -25.08
C ILE E 23 -4.12 -16.26 -24.00
N ARG E 24 -4.86 -15.99 -22.91
CA ARG E 24 -5.06 -17.00 -21.86
C ARG E 24 -6.46 -16.93 -21.22
N HIS E 25 -6.87 -18.03 -20.57
CA HIS E 25 -8.11 -17.97 -19.80
C HIS E 25 -7.67 -17.89 -18.33
N ALA E 26 -8.43 -17.16 -17.55
CA ALA E 26 -8.25 -17.12 -16.10
C ALA E 26 -9.63 -16.84 -15.53
N ASN E 27 -10.12 -17.68 -14.67
CA ASN E 27 -11.46 -17.48 -14.01
C ASN E 27 -12.60 -17.43 -15.05
N PHE E 28 -12.41 -18.21 -16.14
CA PHE E 28 -13.23 -18.23 -17.36
C PHE E 28 -13.32 -16.91 -18.14
N ASP E 29 -12.54 -15.90 -17.72
CA ASP E 29 -12.40 -14.70 -18.61
CA ASP E 29 -12.36 -14.69 -18.54
C ASP E 29 -11.23 -14.93 -19.53
N ALA E 30 -11.29 -14.31 -20.71
CA ALA E 30 -10.21 -14.39 -21.70
C ALA E 30 -9.51 -13.03 -21.65
N ARG E 31 -8.19 -13.06 -21.60
CA ARG E 31 -7.33 -11.84 -21.40
C ARG E 31 -6.00 -12.20 -22.04
N ILE E 32 -5.02 -11.29 -22.05
CA ILE E 32 -3.64 -11.68 -22.38
C ILE E 32 -2.82 -11.50 -21.10
N ASP E 33 -1.66 -12.16 -20.98
CA ASP E 33 -0.81 -11.99 -19.77
C ASP E 33 0.56 -12.44 -20.17
N GLU E 34 1.61 -11.97 -19.46
CA GLU E 34 2.95 -12.57 -19.57
C GLU E 34 3.09 -13.62 -18.41
N ASN E 35 4.05 -14.56 -18.54
CA ASN E 35 4.22 -15.55 -17.46
C ASN E 35 2.92 -16.24 -17.14
N VAL E 36 2.28 -16.71 -18.19
CA VAL E 36 0.88 -17.18 -18.07
C VAL E 36 0.87 -18.45 -17.23
N THR E 37 0.30 -18.40 -16.03
CA THR E 37 0.43 -19.44 -15.08
C THR E 37 -0.98 -19.93 -14.75
N PRO E 38 -1.27 -21.31 -14.79
CA PRO E 38 -0.28 -22.33 -15.30
C PRO E 38 -0.14 -22.10 -16.78
N GLU E 39 0.96 -22.51 -17.37
CA GLU E 39 1.11 -22.24 -18.79
C GLU E 39 -0.08 -22.81 -19.64
N MET E 40 -0.62 -23.93 -19.17
CA MET E 40 -1.76 -24.57 -19.81
CA MET E 40 -1.74 -24.51 -19.97
C MET E 40 -2.88 -23.58 -20.12
N ASP E 41 -3.01 -22.52 -19.32
CA ASP E 41 -4.07 -21.54 -19.54
C ASP E 41 -3.90 -20.79 -20.88
N SER E 42 -2.70 -20.82 -21.48
CA SER E 42 -2.40 -20.19 -22.75
C SER E 42 -2.25 -21.14 -23.94
N GLN E 43 -2.56 -22.45 -23.75
CA GLN E 43 -2.40 -23.41 -24.84
C GLN E 43 -3.77 -23.71 -25.34
N TRP E 44 -3.88 -23.72 -26.66
CA TRP E 44 -5.16 -23.83 -27.40
C TRP E 44 -5.05 -24.88 -28.51
N GLU E 45 -6.20 -25.50 -28.81
CA GLU E 45 -6.27 -26.46 -29.93
CA GLU E 45 -6.31 -26.47 -29.89
C GLU E 45 -7.20 -25.83 -30.93
N LEU E 46 -6.68 -25.56 -32.13
CA LEU E 46 -7.55 -25.04 -33.21
C LEU E 46 -8.27 -26.26 -33.82
N VAL E 47 -9.61 -26.16 -33.91
CA VAL E 47 -10.40 -27.22 -34.50
C VAL E 47 -11.25 -26.60 -35.60
N PRO E 48 -11.82 -27.43 -36.49
CA PRO E 48 -12.73 -26.85 -37.48
C PRO E 48 -13.88 -26.08 -36.76
N GLY E 49 -14.34 -24.99 -37.37
CA GLY E 49 -15.32 -24.09 -36.75
C GLY E 49 -16.61 -24.83 -36.32
N LEU E 50 -17.03 -24.57 -35.07
CA LEU E 50 -18.25 -25.23 -34.57
C LEU E 50 -19.45 -24.84 -35.42
N ALA E 51 -19.44 -23.62 -35.97
CA ALA E 51 -20.58 -23.21 -36.78
C ALA E 51 -20.24 -23.44 -38.27
N ASN E 52 -18.95 -23.44 -38.65
CA ASN E 52 -18.66 -23.66 -40.09
C ASN E 52 -17.32 -24.37 -40.22
N SER E 53 -17.29 -25.55 -40.83
CA SER E 53 -16.01 -26.27 -40.78
C SER E 53 -15.05 -26.05 -42.00
N GLY E 54 -15.45 -25.23 -42.99
CA GLY E 54 -14.67 -24.94 -44.20
C GLY E 54 -14.00 -23.55 -44.21
N ASP E 55 -13.47 -23.16 -45.34
CA ASP E 55 -13.26 -21.78 -45.66
C ASP E 55 -12.45 -20.99 -44.64
N GLY E 56 -11.51 -21.64 -43.94
CA GLY E 56 -10.61 -20.87 -43.02
C GLY E 56 -11.21 -20.62 -41.63
N TYR E 57 -12.42 -21.25 -41.42
CA TYR E 57 -13.08 -21.13 -40.02
C TYR E 57 -12.65 -22.14 -38.95
N VAL E 58 -12.42 -21.61 -37.79
CA VAL E 58 -11.90 -22.42 -36.69
C VAL E 58 -12.65 -22.08 -35.41
N SER E 59 -12.53 -23.02 -34.45
CA SER E 59 -12.92 -22.68 -33.06
C SER E 59 -11.69 -22.96 -32.21
N ILE E 60 -11.65 -22.35 -31.03
CA ILE E 60 -10.40 -22.28 -30.27
C ILE E 60 -10.62 -22.96 -28.91
N GLN E 61 -10.18 -24.19 -28.80
CA GLN E 61 -10.55 -25.05 -27.67
C GLN E 61 -9.45 -24.98 -26.62
N SER E 62 -9.86 -24.88 -25.34
CA SER E 62 -8.84 -24.94 -24.24
C SER E 62 -8.16 -26.35 -24.17
N VAL E 63 -6.82 -26.36 -23.96
CA VAL E 63 -6.12 -27.63 -23.74
C VAL E 63 -6.45 -28.19 -22.32
N ASN E 64 -6.42 -27.31 -21.29
CA ASN E 64 -6.66 -27.78 -19.93
C ASN E 64 -8.15 -27.89 -19.55
N TYR E 65 -9.06 -27.31 -20.34
CA TYR E 65 -10.52 -27.42 -20.20
C TYR E 65 -11.11 -27.94 -21.49
N PRO E 66 -10.96 -29.26 -21.78
CA PRO E 66 -11.48 -29.75 -23.05
C PRO E 66 -12.99 -29.54 -23.05
N GLY E 67 -13.50 -29.25 -24.21
CA GLY E 67 -14.93 -28.97 -24.40
C GLY E 67 -15.30 -27.52 -24.08
N TYR E 68 -14.31 -26.68 -23.73
CA TYR E 68 -14.54 -25.27 -23.49
C TYR E 68 -13.82 -24.53 -24.60
N TYR E 69 -14.41 -23.42 -25.07
CA TYR E 69 -13.88 -22.69 -26.18
C TYR E 69 -13.94 -21.20 -25.88
N LEU E 70 -13.09 -20.42 -26.59
CA LEU E 70 -13.19 -18.96 -26.50
C LEU E 70 -14.45 -18.55 -27.25
N ARG E 71 -15.28 -17.74 -26.60
CA ARG E 71 -16.56 -17.34 -27.18
CA ARG E 71 -16.54 -17.34 -27.20
C ARG E 71 -16.80 -15.88 -26.78
N HIS E 72 -17.44 -15.13 -27.66
CA HIS E 72 -17.73 -13.73 -27.33
C HIS E 72 -19.18 -13.55 -26.91
N SER E 73 -19.41 -12.67 -25.93
CA SER E 73 -20.76 -12.28 -25.58
C SER E 73 -20.71 -10.85 -25.00
N ASN E 74 -21.67 -10.02 -25.36
CA ASN E 74 -21.61 -8.52 -25.12
C ASN E 74 -20.25 -7.96 -25.55
N TYR E 75 -19.73 -8.49 -26.65
CA TYR E 75 -18.42 -8.21 -27.21
C TYR E 75 -17.21 -8.48 -26.33
N ASP E 76 -17.38 -9.21 -25.23
CA ASP E 76 -16.25 -9.58 -24.39
CA ASP E 76 -16.31 -9.62 -24.33
C ASP E 76 -15.94 -11.08 -24.69
N LEU E 77 -14.66 -11.44 -24.72
CA LEU E 77 -14.33 -12.86 -24.92
C LEU E 77 -14.20 -13.58 -23.58
N SER E 78 -14.78 -14.76 -23.48
CA SER E 78 -14.59 -15.55 -22.27
C SER E 78 -14.40 -17.02 -22.63
N LEU E 79 -14.09 -17.86 -21.65
CA LEU E 79 -13.97 -19.31 -21.94
C LEU E 79 -15.26 -20.01 -21.47
N GLU E 80 -16.03 -20.61 -22.40
CA GLU E 80 -17.32 -21.21 -22.02
C GLU E 80 -17.45 -22.67 -22.51
N LYS E 81 -18.29 -23.43 -21.83
CA LYS E 81 -18.43 -24.86 -22.16
C LYS E 81 -19.44 -25.00 -23.27
N ASN E 82 -19.02 -25.60 -24.38
CA ASN E 82 -19.97 -25.88 -25.48
C ASN E 82 -21.22 -26.63 -25.02
N ASP E 83 -22.39 -26.09 -25.35
CA ASP E 83 -23.65 -26.73 -25.02
C ASP E 83 -24.39 -27.21 -26.27
N GLY E 84 -23.70 -27.24 -27.39
CA GLY E 84 -24.30 -27.77 -28.61
C GLY E 84 -25.24 -26.75 -29.32
N THR E 85 -25.41 -25.53 -28.80
CA THR E 85 -26.42 -24.60 -29.40
C THR E 85 -25.81 -23.80 -30.54
N SER E 86 -26.65 -23.31 -31.45
CA SER E 86 -26.08 -22.39 -32.45
C SER E 86 -25.61 -21.11 -31.88
N LEU E 87 -26.27 -20.53 -30.84
CA LEU E 87 -25.74 -19.27 -30.28
C LEU E 87 -24.33 -19.51 -29.77
N PHE E 88 -24.11 -20.67 -29.11
CA PHE E 88 -22.73 -20.96 -28.68
C PHE E 88 -21.81 -21.01 -29.90
N ALA E 89 -22.15 -21.86 -30.87
CA ALA E 89 -21.22 -22.14 -31.99
C ALA E 89 -20.91 -20.85 -32.76
N GLU E 90 -21.94 -20.05 -33.03
CA GLU E 90 -21.69 -18.88 -33.87
C GLU E 90 -20.81 -17.87 -33.22
N SER E 91 -20.83 -17.74 -31.89
CA SER E 91 -20.01 -16.74 -31.23
CA SER E 91 -20.01 -16.75 -31.20
C SER E 91 -18.66 -17.34 -30.78
N ALA E 92 -18.44 -18.59 -31.18
CA ALA E 92 -17.17 -19.33 -30.83
C ALA E 92 -16.48 -19.78 -32.15
N THR E 93 -16.86 -19.14 -33.28
CA THR E 93 -16.26 -19.53 -34.57
C THR E 93 -15.60 -18.26 -35.16
N PHE E 94 -14.39 -18.43 -35.69
CA PHE E 94 -13.58 -17.30 -36.20
C PHE E 94 -12.93 -17.68 -37.46
N LYS E 95 -12.69 -16.72 -38.33
CA LYS E 95 -11.88 -17.01 -39.55
C LYS E 95 -10.48 -16.47 -39.27
N ILE E 96 -9.46 -17.28 -39.47
CA ILE E 96 -8.09 -16.80 -39.31
C ILE E 96 -7.69 -16.19 -40.64
N VAL E 97 -7.44 -14.87 -40.58
CA VAL E 97 -7.09 -14.09 -41.76
C VAL E 97 -5.69 -13.43 -41.64
N PRO E 98 -5.11 -12.89 -42.74
CA PRO E 98 -3.85 -12.22 -42.63
C PRO E 98 -3.89 -11.15 -41.53
N GLY E 99 -2.81 -11.03 -40.77
CA GLY E 99 -2.83 -10.10 -39.61
C GLY E 99 -3.11 -8.66 -40.07
N LEU E 100 -3.96 -7.97 -39.29
CA LEU E 100 -4.39 -6.64 -39.78
C LEU E 100 -3.26 -5.63 -39.74
N ALA E 101 -2.31 -5.83 -38.83
CA ALA E 101 -1.17 -4.96 -38.73
C ALA E 101 0.07 -5.45 -39.54
N ASP E 102 0.05 -6.71 -39.95
CA ASP E 102 1.17 -7.32 -40.70
C ASP E 102 0.65 -8.66 -41.23
N PRO E 103 0.58 -8.80 -42.54
CA PRO E 103 -0.16 -9.96 -43.09
C PRO E 103 0.59 -11.29 -42.98
N SER E 104 1.81 -11.27 -42.47
CA SER E 104 2.49 -12.52 -42.16
C SER E 104 2.13 -13.04 -40.73
N TYR E 105 1.42 -12.23 -39.90
CA TYR E 105 0.86 -12.68 -38.66
C TYR E 105 -0.60 -13.02 -38.96
N ILE E 106 -1.39 -13.24 -37.89
CA ILE E 106 -2.81 -13.57 -38.09
C ILE E 106 -3.71 -12.62 -37.30
N SER E 107 -4.97 -12.61 -37.68
CA SER E 107 -6.08 -11.96 -36.88
C SER E 107 -7.27 -12.91 -36.93
N PHE E 108 -8.14 -12.80 -35.94
CA PHE E 108 -9.30 -13.71 -35.82
C PHE E 108 -10.53 -12.90 -36.09
N GLN E 109 -11.16 -13.11 -37.25
CA GLN E 109 -12.35 -12.35 -37.62
C GLN E 109 -13.55 -13.15 -37.09
N SER E 110 -14.52 -12.48 -36.49
CA SER E 110 -15.73 -13.27 -35.99
C SER E 110 -16.58 -13.83 -37.13
N TYR E 111 -17.07 -15.08 -36.96
CA TYR E 111 -17.96 -15.63 -37.97
C TYR E 111 -19.32 -14.86 -38.01
N ASN E 112 -19.88 -14.48 -36.82
CA ASN E 112 -21.22 -13.85 -36.88
C ASN E 112 -21.16 -12.32 -36.93
N PHE E 113 -19.96 -11.80 -36.63
CA PHE E 113 -19.67 -10.36 -36.84
C PHE E 113 -18.44 -10.20 -37.74
N PRO E 114 -18.63 -10.23 -39.08
CA PRO E 114 -17.42 -10.36 -39.95
C PRO E 114 -16.58 -9.11 -40.04
N THR E 115 -17.02 -7.99 -39.43
CA THR E 115 -16.13 -6.76 -39.42
C THR E 115 -15.44 -6.64 -38.05
N ARG E 116 -15.70 -7.57 -37.14
CA ARG E 116 -15.11 -7.47 -35.80
C ARG E 116 -14.08 -8.56 -35.61
N TYR E 117 -13.07 -8.26 -34.76
CA TYR E 117 -11.93 -9.14 -34.53
C TYR E 117 -11.63 -9.27 -33.06
N ILE E 118 -11.00 -10.42 -32.75
CA ILE E 118 -10.51 -10.53 -31.41
C ILE E 118 -9.33 -9.55 -31.20
N ARG E 119 -9.41 -8.79 -30.11
CA ARG E 119 -8.28 -7.82 -29.83
C ARG E 119 -8.08 -7.70 -28.37
N HIS E 120 -6.83 -7.37 -27.97
CA HIS E 120 -6.67 -7.05 -26.56
C HIS E 120 -6.95 -5.59 -26.36
N TYR E 121 -7.73 -5.27 -25.33
CA TYR E 121 -8.00 -3.87 -24.90
C TYR E 121 -7.28 -3.78 -23.56
N ASN E 122 -6.05 -3.22 -23.59
CA ASN E 122 -5.12 -3.46 -22.46
C ASN E 122 -4.98 -4.97 -22.27
N TYR E 123 -5.26 -5.50 -21.06
CA TYR E 123 -5.15 -6.95 -20.90
C TYR E 123 -6.43 -7.70 -21.29
N LEU E 124 -7.55 -6.99 -21.42
CA LEU E 124 -8.87 -7.73 -21.67
C LEU E 124 -8.98 -8.18 -23.11
N LEU E 125 -9.61 -9.32 -23.38
CA LEU E 125 -9.84 -9.72 -24.74
CA LEU E 125 -9.84 -9.69 -24.78
C LEU E 125 -11.30 -9.39 -25.10
N ARG E 126 -11.51 -8.68 -26.21
CA ARG E 126 -12.85 -8.22 -26.61
CA ARG E 126 -12.81 -8.08 -26.64
C ARG E 126 -12.98 -8.39 -28.13
N LEU E 127 -14.24 -8.29 -28.61
CA LEU E 127 -14.48 -8.43 -30.05
C LEU E 127 -14.90 -7.06 -30.59
N ASP E 128 -13.98 -6.38 -31.31
CA ASP E 128 -14.23 -4.97 -31.69
C ASP E 128 -14.06 -4.70 -33.18
N GLU E 129 -14.70 -3.60 -33.65
CA GLU E 129 -14.43 -3.04 -34.96
C GLU E 129 -13.05 -2.42 -34.84
N ILE E 130 -12.29 -2.51 -35.93
CA ILE E 130 -10.86 -2.16 -35.87
C ILE E 130 -10.58 -0.94 -36.76
N VAL E 131 -10.21 0.19 -36.16
CA VAL E 131 -10.20 1.48 -36.83
C VAL E 131 -8.77 2.01 -36.97
N THR E 132 -8.03 2.11 -35.87
CA THR E 132 -6.80 2.83 -35.88
C THR E 132 -5.64 1.84 -36.05
N GLU E 133 -4.42 2.41 -36.21
CA GLU E 133 -3.24 1.54 -36.30
C GLU E 133 -3.05 0.74 -35.01
N LEU E 134 -3.23 1.37 -33.86
CA LEU E 134 -3.13 0.55 -32.63
C LEU E 134 -4.22 -0.47 -32.48
N ASP E 135 -5.44 -0.18 -32.94
CA ASP E 135 -6.49 -1.20 -32.96
C ASP E 135 -5.98 -2.40 -33.79
N ARG E 136 -5.42 -2.11 -35.00
CA ARG E 136 -4.91 -3.21 -35.84
C ARG E 136 -3.85 -4.05 -35.13
N GLN E 137 -2.94 -3.32 -34.44
CA GLN E 137 -1.90 -4.07 -33.70
C GLN E 137 -2.46 -4.93 -32.56
N ASP E 138 -3.43 -4.38 -31.85
CA ASP E 138 -4.10 -5.13 -30.75
C ASP E 138 -4.91 -6.31 -31.24
N ALA E 139 -5.17 -6.35 -32.55
CA ALA E 139 -5.94 -7.46 -33.14
C ALA E 139 -5.02 -8.39 -33.97
N THR E 140 -3.71 -8.23 -33.82
CA THR E 140 -2.79 -9.07 -34.59
C THR E 140 -2.01 -9.98 -33.62
N PHE E 141 -1.85 -11.24 -34.02
CA PHE E 141 -1.16 -12.25 -33.17
C PHE E 141 -0.28 -13.18 -33.98
N LYS E 142 0.74 -13.74 -33.29
CA LYS E 142 1.62 -14.71 -33.88
C LYS E 142 1.19 -16.10 -33.36
N ILE E 143 1.08 -17.06 -34.27
CA ILE E 143 0.84 -18.44 -33.84
C ILE E 143 2.14 -19.12 -33.45
N ILE E 144 2.20 -19.62 -32.21
CA ILE E 144 3.41 -20.33 -31.73
C ILE E 144 3.00 -21.80 -31.62
N SER E 145 3.49 -22.62 -32.54
CA SER E 145 3.01 -24.00 -32.70
C SER E 145 3.62 -24.89 -31.68
N GLU E 146 2.83 -25.87 -31.25
CA GLU E 146 3.27 -26.77 -30.23
C GLU E 146 2.98 -28.17 -30.77
N THR F 9 -0.12 -25.86 20.21
CA THR F 9 1.23 -25.20 20.32
C THR F 9 1.36 -24.60 21.71
N LYS F 10 2.34 -25.07 22.51
CA LYS F 10 2.80 -24.33 23.74
C LYS F 10 3.75 -23.08 23.63
N ALA F 11 3.34 -21.93 24.14
CA ALA F 11 4.01 -20.70 23.73
C ALA F 11 3.96 -19.58 24.75
N LYS F 12 4.89 -18.62 24.60
CA LYS F 12 4.71 -17.32 25.21
C LYS F 12 4.54 -16.30 24.07
N PHE F 13 4.01 -15.13 24.42
CA PHE F 13 3.80 -14.03 23.45
C PHE F 13 4.50 -12.80 24.01
N GLN F 14 5.61 -12.47 23.37
CA GLN F 14 6.50 -11.37 23.77
C GLN F 14 6.11 -10.09 23.04
N SER F 15 6.04 -8.98 23.79
CA SER F 15 5.63 -7.72 23.15
C SER F 15 6.67 -7.28 22.09
N TYR F 16 6.20 -6.72 20.96
CA TYR F 16 7.13 -6.18 19.94
C TYR F 16 7.92 -4.96 20.47
N ASN F 17 7.24 -4.03 21.13
CA ASN F 17 7.88 -2.78 21.63
C ASN F 17 8.50 -2.85 23.01
N TYR F 18 8.07 -3.81 23.84
CA TYR F 18 8.69 -4.02 25.17
C TYR F 18 9.13 -5.49 25.25
N PRO F 19 10.24 -5.82 24.55
CA PRO F 19 10.55 -7.24 24.22
C PRO F 19 11.01 -8.10 25.38
N ASN F 20 11.05 -7.55 26.60
CA ASN F 20 11.26 -8.39 27.80
C ASN F 20 9.91 -8.66 28.54
N MET F 21 8.78 -8.22 27.95
CA MET F 21 7.47 -8.42 28.56
C MET F 21 6.62 -9.44 27.79
N TYR F 22 5.81 -10.19 28.53
CA TYR F 22 4.93 -11.26 27.96
C TYR F 22 3.55 -11.16 28.44
N ILE F 23 2.64 -11.64 27.58
CA ILE F 23 1.22 -11.80 27.96
C ILE F 23 1.07 -12.79 29.10
N ARG F 24 0.40 -12.39 30.19
CA ARG F 24 0.25 -13.28 31.37
C ARG F 24 -1.12 -13.07 32.04
N HIS F 25 -1.59 -14.04 32.81
CA HIS F 25 -2.74 -13.78 33.66
C HIS F 25 -2.25 -13.58 35.10
N ALA F 26 -2.94 -12.68 35.84
CA ALA F 26 -2.80 -12.56 37.32
C ALA F 26 -4.17 -12.18 37.95
N ASN F 27 -4.61 -12.92 38.98
CA ASN F 27 -6.00 -12.79 39.59
C ASN F 27 -7.07 -12.70 38.51
N PHE F 28 -6.92 -13.51 37.47
CA PHE F 28 -7.87 -13.60 36.35
C PHE F 28 -7.82 -12.42 35.39
N ASP F 29 -7.01 -11.40 35.69
CA ASP F 29 -6.87 -10.34 34.66
CA ASP F 29 -6.73 -10.25 34.82
C ASP F 29 -5.74 -10.69 33.72
N ALA F 30 -5.87 -10.21 32.50
CA ALA F 30 -4.85 -10.44 31.51
C ALA F 30 -4.04 -9.14 31.39
N ARG F 31 -2.73 -9.26 31.29
CA ARG F 31 -1.82 -8.13 31.30
C ARG F 31 -0.49 -8.57 30.68
N ILE F 32 0.47 -7.64 30.54
CA ILE F 32 1.85 -8.02 30.22
C ILE F 32 2.71 -7.71 31.42
N ASP F 33 3.76 -8.49 31.64
CA ASP F 33 4.71 -8.27 32.73
C ASP F 33 6.08 -8.76 32.30
N GLU F 34 7.12 -8.27 32.99
CA GLU F 34 8.43 -8.82 32.83
C GLU F 34 8.66 -9.76 34.05
N ASN F 35 9.60 -10.68 33.90
CA ASN F 35 9.95 -11.64 34.97
C ASN F 35 8.74 -12.25 35.58
N VAL F 36 7.90 -12.90 34.77
CA VAL F 36 6.57 -13.34 35.18
C VAL F 36 6.74 -14.48 36.21
N THR F 37 6.06 -14.39 37.35
CA THR F 37 6.22 -15.29 38.54
C THR F 37 4.88 -15.71 39.22
N PRO F 38 4.58 -17.03 39.29
CA PRO F 38 5.33 -18.10 38.49
C PRO F 38 5.38 -17.97 36.95
N GLU F 39 6.39 -18.55 36.32
CA GLU F 39 6.52 -18.50 34.80
C GLU F 39 5.34 -19.05 34.03
N MET F 40 4.67 -20.00 34.66
CA MET F 40 3.47 -20.64 34.07
C MET F 40 2.32 -19.68 33.76
N ASP F 41 2.27 -18.54 34.48
CA ASP F 41 1.24 -17.51 34.16
C ASP F 41 1.40 -16.90 32.75
N SER F 42 2.58 -17.06 32.15
CA SER F 42 2.86 -16.50 30.81
C SER F 42 2.93 -17.65 29.75
N GLN F 43 2.58 -18.85 30.16
CA GLN F 43 2.56 -19.96 29.18
C GLN F 43 1.13 -20.26 28.70
N TRP F 44 0.96 -20.44 27.38
CA TRP F 44 -0.33 -20.54 26.74
C TRP F 44 -0.28 -21.69 25.75
N GLU F 45 -1.42 -22.34 25.50
CA GLU F 45 -1.57 -23.31 24.45
C GLU F 45 -2.48 -22.76 23.35
N LEU F 46 -1.97 -22.65 22.12
CA LEU F 46 -2.87 -22.26 21.01
C LEU F 46 -3.61 -23.50 20.57
N VAL F 47 -4.95 -23.45 20.64
CA VAL F 47 -5.83 -24.53 20.25
C VAL F 47 -6.74 -24.07 19.08
N PRO F 48 -7.27 -25.00 18.27
CA PRO F 48 -8.21 -24.59 17.21
C PRO F 48 -9.31 -23.66 17.80
N GLY F 49 -9.68 -22.58 17.06
CA GLY F 49 -10.64 -21.58 17.54
C GLY F 49 -11.90 -22.23 18.09
N LEU F 50 -12.33 -21.78 19.27
CA LEU F 50 -13.52 -22.38 19.89
C LEU F 50 -14.76 -22.10 19.05
N ALA F 51 -14.78 -20.91 18.47
CA ALA F 51 -15.94 -20.51 17.66
C ALA F 51 -15.69 -20.94 16.19
N ASN F 52 -14.42 -21.20 15.79
CA ASN F 52 -14.10 -21.66 14.42
C ASN F 52 -12.76 -22.41 14.39
N SER F 53 -12.77 -23.71 14.12
CA SER F 53 -11.49 -24.47 14.19
C SER F 53 -10.54 -24.27 13.00
N GLY F 54 -11.01 -23.68 11.89
CA GLY F 54 -10.14 -23.39 10.71
C GLY F 54 -9.98 -21.90 10.38
N ASP F 55 -9.72 -21.54 9.13
CA ASP F 55 -9.67 -20.15 8.64
C ASP F 55 -8.67 -19.31 9.41
N GLY F 56 -7.65 -19.93 10.03
CA GLY F 56 -6.59 -19.13 10.74
C GLY F 56 -6.95 -18.78 12.19
N TYR F 57 -8.13 -19.24 12.65
CA TYR F 57 -8.58 -18.95 14.05
C TYR F 57 -8.01 -19.87 15.14
N VAL F 58 -7.78 -19.28 16.31
CA VAL F 58 -7.25 -20.05 17.46
C VAL F 58 -8.03 -19.58 18.68
N SER F 59 -7.99 -20.40 19.74
CA SER F 59 -8.21 -19.85 21.06
C SER F 59 -6.97 -20.05 21.91
N ILE F 60 -6.87 -19.32 23.02
CA ILE F 60 -5.60 -19.22 23.71
C ILE F 60 -5.82 -19.71 25.14
N GLN F 61 -5.38 -20.94 25.41
CA GLN F 61 -5.71 -21.63 26.68
C GLN F 61 -4.60 -21.52 27.72
N SER F 62 -4.95 -21.24 28.99
CA SER F 62 -3.91 -21.15 30.03
C SER F 62 -3.28 -22.52 30.36
N VAL F 63 -1.97 -22.58 30.63
CA VAL F 63 -1.32 -23.91 30.93
C VAL F 63 -1.49 -24.29 32.37
N ASN F 64 -1.50 -23.30 33.26
CA ASN F 64 -1.69 -23.63 34.69
C ASN F 64 -3.15 -23.60 35.14
N TYR F 65 -4.03 -22.99 34.35
CA TYR F 65 -5.47 -23.03 34.58
C TYR F 65 -6.13 -23.69 33.35
N PRO F 66 -5.97 -25.03 33.16
CA PRO F 66 -6.61 -25.72 32.02
C PRO F 66 -8.15 -25.46 31.93
N GLY F 67 -8.67 -25.34 30.73
CA GLY F 67 -10.10 -25.00 30.55
C GLY F 67 -10.39 -23.51 30.71
N TYR F 68 -9.37 -22.68 30.94
CA TYR F 68 -9.51 -21.21 31.00
C TYR F 68 -8.83 -20.64 29.79
N TYR F 69 -9.47 -19.64 29.19
CA TYR F 69 -8.97 -18.99 27.98
C TYR F 69 -8.96 -17.45 28.08
N LEU F 70 -8.05 -16.82 27.33
CA LEU F 70 -8.13 -15.38 27.16
C LEU F 70 -9.46 -15.04 26.46
N ARG F 71 -10.22 -14.12 27.06
CA ARG F 71 -11.52 -13.76 26.50
C ARG F 71 -11.76 -12.27 26.78
N HIS F 72 -12.36 -11.58 25.82
CA HIS F 72 -12.59 -10.16 26.02
C HIS F 72 -14.05 -9.90 26.43
N SER F 73 -14.20 -8.83 27.21
CA SER F 73 -15.55 -8.40 27.65
CA SER F 73 -15.57 -8.37 27.59
C SER F 73 -15.40 -6.95 28.08
N ASN F 74 -16.33 -6.06 27.67
CA ASN F 74 -16.16 -4.58 27.77
C ASN F 74 -14.81 -4.10 27.19
N TYR F 75 -14.38 -4.80 26.14
CA TYR F 75 -13.10 -4.66 25.44
C TYR F 75 -11.85 -4.86 26.29
N ASP F 76 -12.04 -5.44 27.46
CA ASP F 76 -10.90 -5.78 28.32
CA ASP F 76 -10.97 -5.78 28.38
C ASP F 76 -10.69 -7.26 28.21
N LEU F 77 -9.42 -7.69 28.12
CA LEU F 77 -9.10 -9.11 28.06
CA LEU F 77 -9.04 -9.11 28.08
C LEU F 77 -8.92 -9.65 29.48
N SER F 78 -9.48 -10.83 29.74
CA SER F 78 -9.24 -11.44 31.05
C SER F 78 -9.13 -12.95 30.86
N LEU F 79 -8.91 -13.69 31.95
CA LEU F 79 -8.84 -15.15 31.85
C LEU F 79 -10.16 -15.70 32.41
N GLU F 80 -10.88 -16.46 31.59
CA GLU F 80 -12.25 -16.92 31.97
C GLU F 80 -12.39 -18.42 31.68
N LYS F 81 -13.24 -19.10 32.46
CA LYS F 81 -13.39 -20.55 32.32
C LYS F 81 -14.39 -20.86 31.21
N ASN F 82 -13.99 -21.67 30.24
CA ASN F 82 -14.91 -22.07 29.10
C ASN F 82 -16.10 -22.87 29.63
N ASP F 83 -17.30 -22.51 29.22
CA ASP F 83 -18.48 -23.34 29.53
C ASP F 83 -19.05 -24.09 28.33
N GLY F 84 -18.38 -24.02 27.19
CA GLY F 84 -18.83 -24.74 25.97
C GLY F 84 -19.89 -24.00 25.15
N THR F 85 -20.21 -22.75 25.54
CA THR F 85 -21.29 -22.01 24.89
C THR F 85 -20.73 -21.15 23.77
N SER F 86 -21.56 -20.74 22.81
CA SER F 86 -21.03 -19.81 21.78
C SER F 86 -20.81 -18.39 22.31
N LEU F 87 -21.59 -17.97 23.30
CA LEU F 87 -21.31 -16.64 23.85
C LEU F 87 -19.87 -16.59 24.43
N PHE F 88 -19.49 -17.68 25.07
CA PHE F 88 -18.10 -17.72 25.55
C PHE F 88 -17.18 -17.71 24.34
N ALA F 89 -17.38 -18.69 23.45
CA ALA F 89 -16.43 -18.95 22.33
C ALA F 89 -16.14 -17.73 21.47
N GLU F 90 -17.18 -16.98 21.11
CA GLU F 90 -16.97 -15.92 20.12
C GLU F 90 -16.06 -14.84 20.58
N SER F 91 -16.02 -14.59 21.90
CA SER F 91 -15.13 -13.55 22.47
C SER F 91 -13.83 -14.12 23.01
N ALA F 92 -13.64 -15.40 22.74
CA ALA F 92 -12.39 -16.10 23.09
C ALA F 92 -11.72 -16.76 21.83
N THR F 93 -12.10 -16.25 20.66
CA THR F 93 -11.53 -16.77 19.37
C THR F 93 -10.87 -15.61 18.62
N PHE F 94 -9.66 -15.84 18.09
CA PHE F 94 -8.87 -14.78 17.49
C PHE F 94 -8.26 -15.32 16.21
N LYS F 95 -8.13 -14.48 15.20
CA LYS F 95 -7.39 -14.88 14.02
C LYS F 95 -5.94 -14.42 14.15
N ILE F 96 -4.97 -15.31 13.94
CA ILE F 96 -3.55 -14.81 13.94
C ILE F 96 -3.30 -14.22 12.55
N VAL F 97 -2.99 -12.93 12.53
CA VAL F 97 -2.70 -12.24 11.28
C VAL F 97 -1.27 -11.62 11.29
N PRO F 98 -0.74 -11.16 10.12
CA PRO F 98 0.55 -10.53 10.14
C PRO F 98 0.61 -9.36 11.13
N GLY F 99 1.75 -9.22 11.82
CA GLY F 99 1.87 -8.26 12.86
C GLY F 99 1.59 -6.88 12.31
N LEU F 100 0.77 -6.11 13.00
CA LEU F 100 0.37 -4.82 12.47
C LEU F 100 1.53 -3.87 12.30
N ALA F 101 2.51 -3.94 13.20
CA ALA F 101 3.75 -3.08 13.12
C ALA F 101 4.86 -3.69 12.26
N ASP F 102 4.82 -4.99 11.99
CA ASP F 102 5.92 -5.63 11.25
C ASP F 102 5.39 -7.03 10.92
N PRO F 103 5.18 -7.33 9.62
CA PRO F 103 4.48 -8.57 9.25
C PRO F 103 5.29 -9.84 9.54
N SER F 104 6.51 -9.75 10.06
CA SER F 104 7.24 -11.00 10.41
C SER F 104 6.82 -11.41 11.88
N TYR F 105 6.15 -10.50 12.59
CA TYR F 105 5.60 -10.83 13.88
C TYR F 105 4.11 -11.15 13.68
N ILE F 106 3.35 -11.26 14.79
CA ILE F 106 1.93 -11.50 14.61
C ILE F 106 1.04 -10.56 15.41
N SER F 107 -0.26 -10.57 15.07
CA SER F 107 -1.27 -9.88 15.87
C SER F 107 -2.52 -10.78 15.94
N PHE F 108 -3.35 -10.56 16.97
CA PHE F 108 -4.54 -11.42 17.24
C PHE F 108 -5.76 -10.52 16.97
N GLN F 109 -6.42 -10.79 15.86
CA GLN F 109 -7.64 -10.09 15.50
C GLN F 109 -8.86 -10.81 16.10
N SER F 110 -9.77 -10.06 16.73
CA SER F 110 -10.95 -10.74 17.29
C SER F 110 -11.90 -11.36 16.24
N TYR F 111 -12.33 -12.61 16.48
CA TYR F 111 -13.36 -13.24 15.67
C TYR F 111 -14.67 -12.37 15.56
N ASN F 112 -15.20 -11.89 16.72
CA ASN F 112 -16.48 -11.19 16.67
C ASN F 112 -16.35 -9.67 16.45
N PHE F 113 -15.17 -9.14 16.70
CA PHE F 113 -14.83 -7.70 16.42
C PHE F 113 -13.63 -7.63 15.48
N PRO F 114 -13.87 -7.82 14.19
CA PRO F 114 -12.77 -8.02 13.24
C PRO F 114 -11.89 -6.83 12.98
N THR F 115 -12.24 -5.63 13.47
CA THR F 115 -11.31 -4.44 13.40
C THR F 115 -10.59 -4.20 14.74
N ARG F 116 -10.79 -5.09 15.71
CA ARG F 116 -10.10 -4.91 17.02
C ARG F 116 -9.12 -6.00 17.27
N TYR F 117 -8.06 -5.66 18.03
CA TYR F 117 -6.93 -6.62 18.17
C TYR F 117 -6.56 -6.65 19.63
N ILE F 118 -5.95 -7.78 20.06
CA ILE F 118 -5.39 -7.78 21.45
C ILE F 118 -4.23 -6.80 21.48
N ARG F 119 -4.26 -5.88 22.43
CA ARG F 119 -3.12 -4.94 22.50
C ARG F 119 -2.83 -4.63 23.93
N HIS F 120 -1.55 -4.33 24.23
CA HIS F 120 -1.27 -3.85 25.60
C HIS F 120 -1.45 -2.34 25.68
N TYR F 121 -2.20 -1.89 26.68
CA TYR F 121 -2.41 -0.45 26.89
C TYR F 121 -1.63 -0.24 28.15
N ASN F 122 -0.41 0.27 28.00
CA ASN F 122 0.53 0.20 29.10
CA ASN F 122 0.62 0.15 29.09
C ASN F 122 0.68 -1.30 29.47
N TYR F 123 0.43 -1.66 30.72
CA TYR F 123 0.49 -3.08 31.10
C TYR F 123 -0.81 -3.88 30.90
N LEU F 124 -1.94 -3.19 30.72
CA LEU F 124 -3.27 -3.85 30.64
C LEU F 124 -3.45 -4.46 29.27
N LEU F 125 -4.15 -5.57 29.15
CA LEU F 125 -4.43 -6.10 27.79
C LEU F 125 -5.91 -5.85 27.49
N ARG F 126 -6.14 -5.23 26.36
CA ARG F 126 -7.47 -4.72 25.97
C ARG F 126 -7.69 -5.10 24.49
N LEU F 127 -8.92 -4.96 24.01
CA LEU F 127 -9.25 -5.33 22.63
C LEU F 127 -9.64 -4.01 21.94
N ASP F 128 -8.70 -3.44 21.20
CA ASP F 128 -8.91 -2.06 20.65
C ASP F 128 -8.83 -1.99 19.16
N GLU F 129 -9.46 -0.91 18.61
CA GLU F 129 -9.19 -0.53 17.22
C GLU F 129 -7.79 0.01 17.23
N ILE F 130 -7.12 -0.05 16.08
CA ILE F 130 -5.67 0.26 16.00
C ILE F 130 -5.42 1.37 14.98
N VAL F 131 -4.97 2.53 15.42
CA VAL F 131 -4.95 3.70 14.53
C VAL F 131 -3.56 4.19 14.27
N THR F 132 -2.81 4.39 15.36
CA THR F 132 -1.49 5.00 15.28
C THR F 132 -0.33 3.95 15.19
N GLU F 133 0.89 4.45 14.92
CA GLU F 133 2.04 3.56 14.90
C GLU F 133 2.24 2.85 16.26
N LEU F 134 2.17 3.60 17.37
CA LEU F 134 2.33 2.95 18.71
C LEU F 134 1.19 1.98 18.95
N ASP F 135 -0.05 2.28 18.48
CA ASP F 135 -1.16 1.30 18.65
C ASP F 135 -0.76 0.02 17.91
N ARG F 136 -0.24 0.16 16.67
CA ARG F 136 0.17 -1.05 15.94
C ARG F 136 1.25 -1.83 16.67
N GLN F 137 2.23 -1.13 17.21
CA GLN F 137 3.27 -1.80 17.99
C GLN F 137 2.74 -2.49 19.26
N ASP F 138 1.83 -1.81 19.93
CA ASP F 138 1.14 -2.43 21.18
C ASP F 138 0.33 -3.65 20.86
N ALA F 139 -0.03 -3.85 19.59
CA ALA F 139 -0.83 -5.00 19.16
C ALA F 139 0.01 -6.05 18.41
N THR F 140 1.33 -5.92 18.46
CA THR F 140 2.20 -6.84 17.73
C THR F 140 3.00 -7.67 18.73
N PHE F 141 3.06 -8.98 18.47
CA PHE F 141 3.73 -9.89 19.41
C PHE F 141 4.58 -10.85 18.63
N LYS F 142 5.53 -11.46 19.35
CA LYS F 142 6.38 -12.51 18.81
C LYS F 142 6.00 -13.78 19.55
N ILE F 143 5.75 -14.85 18.78
CA ILE F 143 5.38 -16.15 19.41
C ILE F 143 6.67 -16.88 19.78
N ILE F 144 6.85 -17.25 21.06
CA ILE F 144 8.10 -17.89 21.47
C ILE F 144 7.69 -19.31 21.79
N SER F 145 8.17 -20.29 21.03
CA SER F 145 7.70 -21.67 21.21
C SER F 145 8.47 -22.48 22.21
N THR G 9 17.19 21.49 42.33
CA THR G 9 16.83 20.36 43.23
C THR G 9 17.07 18.98 42.53
N LYS G 10 17.45 17.97 43.34
CA LYS G 10 17.85 16.63 42.83
C LYS G 10 16.70 15.56 42.72
N ALA G 11 16.59 14.83 41.59
CA ALA G 11 15.38 14.07 41.39
C ALA G 11 15.56 12.99 40.30
N LYS G 12 14.69 11.98 40.33
CA LYS G 12 14.51 11.07 39.22
C LYS G 12 13.12 11.37 38.64
N PHE G 13 12.93 11.07 37.35
CA PHE G 13 11.62 11.29 36.70
C PHE G 13 11.07 9.92 36.29
N GLN G 14 10.00 9.51 36.98
CA GLN G 14 9.43 8.18 36.79
C GLN G 14 8.28 8.28 35.77
N SER G 15 8.24 7.35 34.79
CA SER G 15 7.21 7.43 33.77
C SER G 15 5.81 7.24 34.42
N TYR G 16 4.87 8.10 33.99
CA TYR G 16 3.43 7.99 34.46
C TYR G 16 2.84 6.60 34.10
N ASN G 17 3.06 6.17 32.85
CA ASN G 17 2.38 4.94 32.35
C ASN G 17 3.18 3.65 32.54
N TYR G 18 4.51 3.76 32.65
CA TYR G 18 5.39 2.62 32.95
C TYR G 18 6.20 2.94 34.22
N PRO G 19 5.59 2.78 35.40
CA PRO G 19 6.17 3.41 36.62
C PRO G 19 7.38 2.76 37.26
N ASN G 20 7.89 1.69 36.66
CA ASN G 20 9.22 1.20 37.08
C ASN G 20 10.29 1.67 36.12
N MET G 21 9.96 2.60 35.21
CA MET G 21 10.93 3.15 34.27
C MET G 21 11.20 4.65 34.51
N TYR G 22 12.48 5.02 34.35
CA TYR G 22 12.91 6.36 34.64
C TYR G 22 13.66 6.95 33.49
N ILE G 23 13.61 8.29 33.37
CA ILE G 23 14.45 8.97 32.41
C ILE G 23 15.93 8.77 32.76
N ARG G 24 16.73 8.35 31.77
CA ARG G 24 18.14 8.12 32.06
C ARG G 24 18.97 8.40 30.84
N HIS G 25 20.28 8.60 31.03
CA HIS G 25 21.20 8.70 29.88
C HIS G 25 21.99 7.41 29.76
N ALA G 26 22.16 6.96 28.51
CA ALA G 26 23.00 5.78 28.21
C ALA G 26 23.71 6.13 26.87
N ASN G 27 24.99 6.01 26.81
CA ASN G 27 25.75 6.30 25.55
CA ASN G 27 25.81 6.31 25.57
C ASN G 27 25.43 7.74 25.07
N PHE G 28 25.25 8.67 26.05
CA PHE G 28 24.77 10.02 25.75
C PHE G 28 23.43 10.12 25.06
N ASP G 29 22.75 8.98 24.88
CA ASP G 29 21.33 9.13 24.44
CA ASP G 29 21.38 8.99 24.43
C ASP G 29 20.45 9.28 25.67
N ALA G 30 19.31 9.96 25.48
CA ALA G 30 18.30 10.10 26.53
C ALA G 30 17.20 9.06 26.22
N ARG G 31 16.82 8.30 27.24
CA ARG G 31 15.82 7.23 27.07
C ARG G 31 15.17 6.98 28.43
N ILE G 32 14.25 6.04 28.49
CA ILE G 32 13.76 5.53 29.79
C ILE G 32 14.21 4.08 29.92
N ASP G 33 14.32 3.60 31.15
CA ASP G 33 14.67 2.22 31.39
C ASP G 33 14.18 1.83 32.76
N GLU G 34 13.90 0.53 32.96
CA GLU G 34 13.79 -0.08 34.30
C GLU G 34 15.16 -0.59 34.78
N ASN G 35 15.31 -0.72 36.11
CA ASN G 35 16.59 -1.25 36.67
C ASN G 35 17.77 -0.54 36.11
N VAL G 36 17.72 0.80 36.14
CA VAL G 36 18.76 1.62 35.56
C VAL G 36 20.15 1.33 36.21
N THR G 37 21.15 1.05 35.37
CA THR G 37 22.48 0.61 35.83
C THR G 37 23.53 1.38 35.09
N PRO G 38 24.36 2.20 35.78
CA PRO G 38 24.31 2.47 37.21
C PRO G 38 23.10 3.40 37.49
N GLU G 39 22.54 3.28 38.68
CA GLU G 39 21.30 4.03 39.06
C GLU G 39 21.51 5.53 38.89
N MET G 40 22.77 6.00 39.04
CA MET G 40 23.09 7.42 38.90
C MET G 40 22.85 7.97 37.49
N ASP G 41 22.76 7.08 36.50
CA ASP G 41 22.38 7.58 35.16
C ASP G 41 20.93 8.08 35.09
N SER G 42 20.16 7.77 36.13
CA SER G 42 18.74 8.27 36.21
C SER G 42 18.56 9.43 37.23
N GLN G 43 19.67 9.94 37.75
CA GLN G 43 19.60 11.09 38.71
C GLN G 43 19.89 12.39 38.02
N TRP G 44 19.04 13.41 38.30
CA TRP G 44 19.07 14.71 37.58
C TRP G 44 19.02 15.85 38.60
N GLU G 45 19.53 17.01 38.21
CA GLU G 45 19.38 18.17 39.02
C GLU G 45 18.65 19.18 38.15
N LEU G 46 17.54 19.71 38.66
CA LEU G 46 16.80 20.79 37.97
C LEU G 46 17.48 22.05 38.42
N VAL G 47 18.01 22.79 37.46
CA VAL G 47 18.65 24.06 37.77
C VAL G 47 17.88 25.16 37.02
N PRO G 48 18.10 26.44 37.37
CA PRO G 48 17.41 27.53 36.61
C PRO G 48 17.68 27.41 35.15
N GLY G 49 16.68 27.71 34.31
CA GLY G 49 16.83 27.42 32.86
C GLY G 49 18.06 28.14 32.32
N LEU G 50 18.80 27.45 31.46
CA LEU G 50 19.98 28.10 30.85
C LEU G 50 19.60 29.27 29.96
N ALA G 51 18.38 29.22 29.37
CA ALA G 51 17.93 30.32 28.47
C ALA G 51 16.87 31.13 29.15
N ASN G 52 16.51 30.81 30.40
CA ASN G 52 15.48 31.63 31.08
C ASN G 52 15.40 31.22 32.55
N SER G 53 15.61 32.16 33.48
CA SER G 53 15.60 31.78 34.89
C SER G 53 14.28 32.20 35.55
N GLY G 54 13.27 32.48 34.73
CA GLY G 54 11.94 32.81 35.24
C GLY G 54 11.24 31.62 35.89
N ASP G 55 10.16 31.91 36.61
CA ASP G 55 9.43 30.83 37.31
C ASP G 55 8.95 29.72 36.42
N GLY G 56 9.31 28.50 36.80
CA GLY G 56 8.91 27.28 36.11
C GLY G 56 9.85 26.86 34.99
N TYR G 57 10.80 27.71 34.60
CA TYR G 57 11.78 27.30 33.59
C TYR G 57 13.02 26.64 34.19
N VAL G 58 13.40 25.52 33.61
CA VAL G 58 14.47 24.71 34.14
C VAL G 58 15.36 24.18 33.06
N SER G 59 16.59 23.78 33.47
CA SER G 59 17.37 22.88 32.63
C SER G 59 17.66 21.62 33.43
N ILE G 60 17.96 20.51 32.74
CA ILE G 60 17.91 19.18 33.44
C ILE G 60 19.34 18.66 33.34
N GLN G 61 20.08 18.83 34.43
CA GLN G 61 21.53 18.54 34.42
C GLN G 61 21.76 17.10 34.93
N SER G 62 22.67 16.37 34.24
CA SER G 62 23.02 15.03 34.78
C SER G 62 23.79 15.16 36.10
N VAL G 63 23.52 14.30 37.07
CA VAL G 63 24.25 14.32 38.35
C VAL G 63 25.66 13.68 38.16
N ASN G 64 25.73 12.64 37.32
CA ASN G 64 27.03 11.90 37.21
C ASN G 64 27.86 12.40 36.01
N TYR G 65 27.22 13.26 35.20
CA TYR G 65 27.94 14.06 34.20
C TYR G 65 27.66 15.57 34.35
N PRO G 66 28.29 16.21 35.37
CA PRO G 66 28.10 17.62 35.62
C PRO G 66 28.46 18.42 34.37
N GLY G 67 27.63 19.43 34.09
CA GLY G 67 27.86 20.29 32.88
C GLY G 67 27.25 19.74 31.60
N TYR G 68 26.63 18.54 31.68
CA TYR G 68 25.86 17.96 30.59
C TYR G 68 24.35 18.07 30.93
N TYR G 69 23.54 18.32 29.90
CA TYR G 69 22.13 18.56 30.10
C TYR G 69 21.32 17.81 29.03
N LEU G 70 20.03 17.54 29.34
CA LEU G 70 19.16 17.03 28.28
C LEU G 70 18.88 18.16 27.29
N ARG G 71 19.08 17.87 26.01
CA ARG G 71 18.97 18.95 25.00
C ARG G 71 18.30 18.29 23.77
N HIS G 72 17.40 19.01 23.10
CA HIS G 72 16.81 18.39 21.88
C HIS G 72 17.49 18.90 20.62
N SER G 73 17.48 18.03 19.63
CA SER G 73 17.91 18.41 18.28
C SER G 73 17.38 17.31 17.37
N ASN G 74 16.92 17.70 16.17
CA ASN G 74 16.15 16.79 15.30
C ASN G 74 14.96 16.15 16.04
N TYR G 75 14.46 16.84 17.08
CA TYR G 75 13.32 16.41 17.86
C TYR G 75 13.64 15.15 18.70
N ASP G 76 14.93 14.83 18.80
CA ASP G 76 15.41 13.75 19.67
C ASP G 76 16.00 14.38 20.89
N LEU G 77 15.87 13.77 22.07
CA LEU G 77 16.54 14.30 23.29
CA LEU G 77 16.54 14.29 23.26
C LEU G 77 17.85 13.50 23.46
N SER G 78 18.95 14.17 23.77
CA SER G 78 20.18 13.43 24.07
C SER G 78 20.86 14.18 25.23
N LEU G 79 21.90 13.62 25.82
CA LEU G 79 22.61 14.24 26.95
C LEU G 79 23.86 14.88 26.29
N GLU G 80 23.99 16.21 26.42
CA GLU G 80 25.08 16.91 25.74
C GLU G 80 25.78 17.92 26.64
N LYS G 81 27.09 18.10 26.40
CA LYS G 81 27.85 19.06 27.19
C LYS G 81 27.45 20.50 26.82
N ASN G 82 27.11 21.35 27.81
CA ASN G 82 26.83 22.74 27.50
C ASN G 82 28.04 23.39 26.84
N ASP G 83 27.86 24.01 25.65
CA ASP G 83 28.96 24.67 24.96
C ASP G 83 28.87 26.17 25.17
N GLY G 84 27.93 26.57 26.03
CA GLY G 84 27.87 27.97 26.50
C GLY G 84 27.10 28.87 25.53
N THR G 85 26.62 28.31 24.40
CA THR G 85 25.84 29.16 23.41
C THR G 85 24.39 29.36 23.79
N SER G 86 23.79 30.48 23.34
CA SER G 86 22.34 30.66 23.45
C SER G 86 21.60 29.56 22.70
N LEU G 87 22.11 29.14 21.53
CA LEU G 87 21.45 28.01 20.81
C LEU G 87 21.33 26.75 21.66
N PHE G 88 22.40 26.38 22.35
CA PHE G 88 22.32 25.21 23.23
C PHE G 88 21.31 25.47 24.35
N ALA G 89 21.43 26.64 25.02
CA ALA G 89 20.57 26.92 26.14
C ALA G 89 19.07 26.86 25.71
N GLU G 90 18.70 27.42 24.54
CA GLU G 90 17.29 27.43 24.14
CA GLU G 90 17.28 27.42 24.18
C GLU G 90 16.75 25.98 23.99
N SER G 91 17.59 25.10 23.46
CA SER G 91 17.17 23.71 23.21
CA SER G 91 17.21 23.69 23.21
C SER G 91 17.39 22.79 24.44
N ALA G 92 17.86 23.38 25.54
CA ALA G 92 18.10 22.66 26.82
C ALA G 92 17.33 23.32 27.96
N THR G 93 16.36 24.17 27.61
CA THR G 93 15.49 24.80 28.65
C THR G 93 14.05 24.33 28.43
N PHE G 94 13.40 24.03 29.54
CA PHE G 94 12.01 23.52 29.48
C PHE G 94 11.19 24.22 30.55
N LYS G 95 9.89 24.34 30.29
CA LYS G 95 9.02 24.85 31.30
C LYS G 95 8.37 23.64 31.99
N ILE G 96 8.42 23.56 33.31
CA ILE G 96 7.75 22.50 34.06
CA ILE G 96 7.75 22.46 33.96
C ILE G 96 6.30 22.90 34.10
N VAL G 97 5.38 22.08 33.57
CA VAL G 97 3.96 22.44 33.60
C VAL G 97 3.22 21.28 34.27
N PRO G 98 1.94 21.49 34.62
CA PRO G 98 1.17 20.40 35.26
C PRO G 98 1.12 19.19 34.29
N GLY G 99 1.27 18.00 34.85
CA GLY G 99 1.35 16.74 34.02
C GLY G 99 0.22 16.73 32.98
N LEU G 100 0.53 16.46 31.69
CA LEU G 100 -0.53 16.46 30.65
C LEU G 100 -1.53 15.38 30.87
N ALA G 101 -1.13 14.26 31.48
CA ALA G 101 -2.15 13.22 31.80
C ALA G 101 -2.75 13.33 33.22
N ASP G 102 -2.15 14.16 34.07
CA ASP G 102 -2.57 14.26 35.50
C ASP G 102 -1.80 15.38 36.13
N PRO G 103 -2.51 16.48 36.56
CA PRO G 103 -1.73 17.67 36.96
C PRO G 103 -0.91 17.54 38.26
N SER G 104 -1.15 16.44 39.05
CA SER G 104 -0.29 16.16 40.22
C SER G 104 1.08 15.61 39.81
N TYR G 105 1.26 15.22 38.53
CA TYR G 105 2.55 14.91 37.96
C TYR G 105 3.10 16.11 37.19
N ILE G 106 4.22 15.92 36.50
CA ILE G 106 4.75 17.06 35.68
C ILE G 106 4.95 16.69 34.23
N SER G 107 5.03 17.71 33.36
CA SER G 107 5.47 17.52 31.97
C SER G 107 6.46 18.63 31.69
N PHE G 108 7.32 18.43 30.69
CA PHE G 108 8.36 19.37 30.36
C PHE G 108 8.06 19.90 28.97
N GLN G 109 7.76 21.21 28.90
CA GLN G 109 7.41 21.84 27.62
C GLN G 109 8.67 22.56 27.13
N SER G 110 8.99 22.35 25.86
CA SER G 110 10.22 23.02 25.30
C SER G 110 10.10 24.56 25.30
N TYR G 111 11.19 25.25 25.65
CA TYR G 111 11.20 26.71 25.66
C TYR G 111 11.12 27.28 24.25
N ASN G 112 11.83 26.68 23.30
CA ASN G 112 11.87 27.28 21.94
C ASN G 112 10.79 26.64 21.01
N PHE G 113 10.25 25.49 21.40
CA PHE G 113 9.10 24.85 20.71
C PHE G 113 7.98 24.60 21.71
N PRO G 114 7.24 25.66 22.11
CA PRO G 114 6.35 25.50 23.27
C PRO G 114 5.10 24.66 23.02
N THR G 115 4.92 24.12 21.82
CA THR G 115 3.85 23.08 21.61
C THR G 115 4.43 21.67 21.69
N ARG G 116 5.73 21.57 22.00
CA ARG G 116 6.31 20.22 22.06
C ARG G 116 6.75 19.89 23.47
N TYR G 117 6.73 18.59 23.80
CA TYR G 117 7.03 18.15 25.16
C TYR G 117 7.97 16.94 25.10
N ILE G 118 8.78 16.82 26.12
CA ILE G 118 9.58 15.57 26.34
C ILE G 118 8.63 14.38 26.50
N ARG G 119 8.83 13.34 25.70
CA ARG G 119 7.95 12.17 25.88
C ARG G 119 8.73 10.91 25.62
N HIS G 120 8.31 9.83 26.22
CA HIS G 120 8.98 8.56 25.79
C HIS G 120 8.18 7.95 24.64
N TYR G 121 8.90 7.47 23.61
CA TYR G 121 8.26 6.84 22.45
C TYR G 121 8.85 5.40 22.55
N ASN G 122 8.06 4.47 23.13
CA ASN G 122 8.68 3.19 23.67
C ASN G 122 9.79 3.61 24.63
N TYR G 123 11.01 3.11 24.44
CA TYR G 123 12.12 3.51 25.37
C TYR G 123 12.83 4.83 25.00
N LEU G 124 12.62 5.33 23.79
CA LEU G 124 13.36 6.52 23.34
C LEU G 124 12.78 7.76 23.96
N LEU G 125 13.59 8.81 24.16
CA LEU G 125 13.03 10.07 24.64
C LEU G 125 13.14 11.11 23.51
N ARG G 126 12.00 11.67 23.16
CA ARG G 126 11.99 12.62 22.07
CA ARG G 126 11.83 12.52 21.99
C ARG G 126 11.08 13.82 22.40
N LEU G 127 11.04 14.76 21.48
CA LEU G 127 10.38 16.06 21.72
C LEU G 127 9.26 16.20 20.70
N ASP G 128 8.03 15.86 21.10
CA ASP G 128 6.90 15.79 20.16
C ASP G 128 5.71 16.66 20.51
N GLU G 129 4.89 16.95 19.52
CA GLU G 129 3.53 17.47 19.79
C GLU G 129 2.68 16.33 20.35
N ILE G 130 1.72 16.68 21.20
CA ILE G 130 1.05 15.70 22.05
C ILE G 130 -0.44 15.71 21.71
N VAL G 131 -0.92 14.62 21.14
CA VAL G 131 -2.29 14.61 20.60
C VAL G 131 -3.24 13.65 21.31
N THR G 132 -2.83 12.39 21.47
CA THR G 132 -3.70 11.41 22.00
C THR G 132 -3.55 11.26 23.52
N GLU G 133 -4.46 10.47 24.10
CA GLU G 133 -4.34 10.12 25.51
C GLU G 133 -2.99 9.40 25.78
N LEU G 134 -2.61 8.45 24.92
CA LEU G 134 -1.33 7.79 25.16
C LEU G 134 -0.16 8.78 25.00
N ASP G 135 -0.23 9.69 24.02
CA ASP G 135 0.81 10.75 23.92
C ASP G 135 0.89 11.51 25.25
N ARG G 136 -0.26 11.88 25.84
CA ARG G 136 -0.18 12.66 27.12
C ARG G 136 0.47 11.82 28.21
N GLN G 137 0.11 10.52 28.32
CA GLN G 137 0.68 9.67 29.34
C GLN G 137 2.19 9.51 29.12
N ASP G 138 2.59 9.39 27.84
CA ASP G 138 4.05 9.26 27.52
C ASP G 138 4.84 10.54 27.82
N ALA G 139 4.12 11.68 27.97
CA ALA G 139 4.81 12.96 28.25
C ALA G 139 4.63 13.39 29.74
N THR G 140 4.13 12.47 30.59
CA THR G 140 3.87 12.76 32.02
C THR G 140 4.85 11.93 32.87
N PHE G 141 5.47 12.61 33.85
CA PHE G 141 6.44 11.95 34.71
C PHE G 141 6.20 12.29 36.16
N LYS G 142 6.62 11.41 37.06
CA LYS G 142 6.50 11.77 38.50
C LYS G 142 7.88 12.19 38.98
N ILE G 143 7.99 13.35 39.66
CA ILE G 143 9.28 13.72 40.28
C ILE G 143 9.51 12.91 41.56
N ILE G 144 10.58 12.15 41.62
CA ILE G 144 10.98 11.46 42.86
C ILE G 144 12.19 12.23 43.46
N SER G 145 12.02 12.88 44.61
CA SER G 145 13.05 13.81 45.10
C SER G 145 14.22 13.04 45.74
N GLU G 146 15.44 13.63 45.70
CA GLU G 146 16.64 13.09 46.41
C GLU G 146 17.44 14.10 47.25
N PRO H 7 5.05 -10.18 -7.66
CA PRO H 7 4.68 -11.63 -7.92
C PRO H 7 3.66 -11.83 -9.06
N ILE H 8 3.65 -13.02 -9.65
CA ILE H 8 2.62 -13.44 -10.61
C ILE H 8 1.25 -13.57 -9.91
N THR H 9 1.23 -14.29 -8.77
CA THR H 9 0.01 -14.46 -7.98
C THR H 9 0.34 -14.87 -6.52
N LYS H 10 -0.56 -14.53 -5.59
CA LYS H 10 -0.54 -15.09 -4.25
C LYS H 10 -1.52 -16.28 -4.17
N ALA H 11 -1.16 -17.35 -3.44
CA ALA H 11 -1.97 -18.55 -3.46
C ALA H 11 -1.68 -19.46 -2.28
N LYS H 12 -2.61 -20.39 -2.02
CA LYS H 12 -2.36 -21.58 -1.21
C LYS H 12 -2.45 -22.78 -2.17
N PHE H 13 -1.89 -23.93 -1.77
CA PHE H 13 -1.89 -25.10 -2.60
C PHE H 13 -2.48 -26.22 -1.75
N GLN H 14 -3.66 -26.63 -2.18
CA GLN H 14 -4.48 -27.64 -1.48
C GLN H 14 -4.15 -29.02 -2.10
N SER H 15 -3.98 -30.03 -1.25
CA SER H 15 -3.73 -31.38 -1.77
C SER H 15 -4.98 -31.90 -2.53
N TYR H 16 -4.74 -32.60 -3.64
CA TYR H 16 -5.79 -33.32 -4.42
C TYR H 16 -6.46 -34.42 -3.59
N ASN H 17 -5.62 -35.25 -2.95
CA ASN H 17 -6.21 -36.40 -2.23
C ASN H 17 -6.54 -36.16 -0.77
N TYR H 18 -5.99 -35.10 -0.15
CA TYR H 18 -6.39 -34.74 1.22
C TYR H 18 -6.77 -33.29 1.15
N PRO H 19 -8.01 -33.02 0.72
CA PRO H 19 -8.27 -31.65 0.27
C PRO H 19 -8.52 -30.60 1.37
N ASN H 20 -8.39 -30.98 2.64
CA ASN H 20 -8.41 -29.98 3.70
C ASN H 20 -6.96 -29.67 4.13
N MET H 21 -6.00 -30.22 3.37
CA MET H 21 -4.60 -30.00 3.67
C MET H 21 -3.89 -29.09 2.66
N TYR H 22 -2.89 -28.32 3.16
CA TYR H 22 -2.24 -27.26 2.35
C TYR H 22 -0.76 -27.30 2.55
N ILE H 23 -0.01 -26.93 1.50
CA ILE H 23 1.42 -26.84 1.65
C ILE H 23 1.68 -25.69 2.63
N ARG H 24 2.55 -25.96 3.62
CA ARG H 24 2.93 -24.90 4.55
C ARG H 24 4.39 -25.08 5.02
N HIS H 25 5.01 -24.03 5.59
CA HIS H 25 6.31 -24.24 6.16
C HIS H 25 6.10 -24.24 7.65
N ALA H 26 6.89 -25.04 8.37
CA ALA H 26 6.93 -24.97 9.82
C ALA H 26 8.37 -25.11 10.29
N ASN H 27 8.94 -24.18 11.04
CA ASN H 27 10.37 -24.41 11.50
C ASN H 27 11.36 -24.70 10.35
N PHE H 28 11.19 -23.99 9.23
CA PHE H 28 11.93 -24.17 7.95
C PHE H 28 11.71 -25.50 7.27
N ASP H 29 10.88 -26.37 7.84
CA ASP H 29 10.51 -27.64 7.17
C ASP H 29 9.32 -27.34 6.24
N ALA H 30 9.20 -28.07 5.13
CA ALA H 30 8.06 -27.92 4.20
C ALA H 30 7.17 -29.18 4.36
N ARG H 31 5.87 -28.98 4.59
CA ARG H 31 4.97 -30.07 4.86
C ARG H 31 3.56 -29.71 4.39
N ILE H 32 2.63 -30.66 4.47
CA ILE H 32 1.23 -30.27 4.40
C ILE H 32 0.58 -30.37 5.76
N ASP H 33 -0.47 -29.58 5.99
CA ASP H 33 -1.24 -29.69 7.24
C ASP H 33 -2.66 -29.20 6.99
N GLU H 34 -3.62 -29.57 7.89
CA GLU H 34 -4.94 -28.95 7.93
C GLU H 34 -4.92 -27.81 8.97
N ASN H 35 -5.88 -26.85 8.88
CA ASN H 35 -6.02 -25.77 9.89
C ASN H 35 -4.63 -25.19 10.22
N VAL H 36 -3.92 -24.77 9.18
CA VAL H 36 -2.54 -24.32 9.30
C VAL H 36 -2.58 -23.02 10.18
N THR H 37 -1.72 -22.96 11.21
CA THR H 37 -1.68 -21.86 12.16
C THR H 37 -0.24 -21.51 12.31
N PRO H 38 0.13 -20.23 12.12
CA PRO H 38 -0.69 -19.14 11.68
C PRO H 38 -0.91 -19.38 10.16
N GLU H 39 -2.03 -18.89 9.66
CA GLU H 39 -2.42 -19.13 8.29
C GLU H 39 -1.38 -18.71 7.29
N MET H 40 -0.61 -17.65 7.63
CA MET H 40 0.42 -17.21 6.72
C MET H 40 1.52 -18.21 6.33
N ASP H 41 1.69 -19.27 7.13
CA ASP H 41 2.65 -20.33 6.82
C ASP H 41 2.19 -21.07 5.58
N SER H 42 0.87 -20.97 5.27
CA SER H 42 0.36 -21.67 4.07
C SER H 42 0.18 -20.73 2.84
N GLN H 43 0.60 -19.45 2.97
CA GLN H 43 0.41 -18.50 1.88
C GLN H 43 1.71 -18.28 1.13
N TRP H 44 1.63 -18.32 -0.21
CA TRP H 44 2.79 -18.27 -1.09
C TRP H 44 2.64 -17.26 -2.21
N GLU H 45 3.75 -16.73 -2.72
CA GLU H 45 3.69 -15.85 -3.85
C GLU H 45 4.44 -16.60 -4.96
N LEU H 46 3.76 -16.86 -6.07
CA LEU H 46 4.47 -17.43 -7.21
C LEU H 46 5.10 -16.21 -7.96
N VAL H 47 6.41 -16.33 -8.18
CA VAL H 47 7.18 -15.32 -8.92
C VAL H 47 7.80 -16.01 -10.12
N PRO H 48 8.27 -15.25 -11.12
CA PRO H 48 9.06 -15.84 -12.22
C PRO H 48 10.22 -16.69 -11.67
N GLY H 49 10.49 -17.86 -12.30
CA GLY H 49 11.50 -18.83 -11.77
C GLY H 49 12.85 -18.12 -11.56
N LEU H 50 13.48 -18.34 -10.39
CA LEU H 50 14.77 -17.72 -10.08
C LEU H 50 15.84 -18.19 -11.08
N ALA H 51 15.73 -19.46 -11.47
CA ALA H 51 16.63 -20.01 -12.47
C ALA H 51 16.17 -19.76 -13.94
N ASN H 52 14.86 -19.63 -14.19
CA ASN H 52 14.34 -19.44 -15.55
C ASN H 52 12.98 -18.72 -15.46
N SER H 53 12.88 -17.52 -15.99
CA SER H 53 11.66 -16.74 -15.79
C SER H 53 10.51 -17.04 -16.82
N GLY H 54 10.82 -17.79 -17.89
CA GLY H 54 9.82 -18.13 -18.93
C GLY H 54 9.31 -19.57 -18.86
N ASP H 55 8.74 -20.08 -19.93
CA ASP H 55 8.59 -21.55 -20.12
C ASP H 55 7.70 -22.25 -19.05
N GLY H 56 6.80 -21.54 -18.37
CA GLY H 56 5.98 -22.17 -17.33
C GLY H 56 6.66 -22.29 -15.94
N TYR H 57 7.87 -21.72 -15.83
CA TYR H 57 8.71 -21.85 -14.56
C TYR H 57 8.47 -20.78 -13.51
N VAL H 58 8.32 -21.24 -12.29
CA VAL H 58 8.08 -20.31 -11.18
C VAL H 58 9.04 -20.60 -10.01
N SER H 59 9.13 -19.65 -9.09
CA SER H 59 9.60 -19.95 -7.72
C SER H 59 8.51 -19.63 -6.71
N ILE H 60 8.61 -20.28 -5.54
CA ILE H 60 7.50 -20.27 -4.57
C ILE H 60 8.01 -19.57 -3.31
N GLN H 61 7.66 -18.30 -3.16
CA GLN H 61 8.20 -17.47 -2.10
C GLN H 61 7.24 -17.42 -0.94
N SER H 62 7.80 -17.54 0.28
CA SER H 62 6.98 -17.41 1.46
C SER H 62 6.44 -15.96 1.64
N VAL H 63 5.16 -15.87 1.98
CA VAL H 63 4.56 -14.57 2.20
C VAL H 63 5.03 -14.00 3.54
N ASN H 64 5.14 -14.85 4.58
CA ASN H 64 5.53 -14.30 5.90
C ASN H 64 7.03 -14.30 6.13
N TYR H 65 7.81 -14.98 5.27
CA TYR H 65 9.29 -14.86 5.22
C TYR H 65 9.69 -14.46 3.82
N PRO H 66 9.53 -13.17 3.47
CA PRO H 66 9.97 -12.77 2.17
C PRO H 66 11.47 -13.07 1.96
N GLY H 67 11.82 -13.43 0.73
CA GLY H 67 13.24 -13.76 0.40
C GLY H 67 13.53 -15.24 0.74
N TYR H 68 12.55 -15.96 1.31
CA TYR H 68 12.69 -17.40 1.48
C TYR H 68 11.79 -18.15 0.53
N TYR H 69 12.24 -19.32 0.08
CA TYR H 69 11.57 -20.03 -1.03
C TYR H 69 11.55 -21.51 -0.74
N LEU H 70 10.56 -22.21 -1.30
CA LEU H 70 10.61 -23.67 -1.21
C LEU H 70 11.76 -24.16 -2.06
N ARG H 71 12.63 -25.01 -1.52
CA ARG H 71 13.78 -25.49 -2.25
C ARG H 71 14.00 -26.95 -1.86
N HIS H 72 14.45 -27.76 -2.81
CA HIS H 72 14.72 -29.14 -2.45
C HIS H 72 16.22 -29.37 -2.27
N SER H 73 16.53 -30.35 -1.43
CA SER H 73 17.94 -30.75 -1.18
C SER H 73 17.90 -32.09 -0.50
N ASN H 74 18.79 -33.01 -0.86
CA ASN H 74 18.59 -34.48 -0.51
C ASN H 74 17.15 -35.02 -0.84
N TYR H 75 16.57 -34.50 -1.92
CA TYR H 75 15.19 -34.75 -2.33
C TYR H 75 14.10 -34.41 -1.30
N ASP H 76 14.45 -33.66 -0.27
CA ASP H 76 13.44 -33.17 0.66
CA ASP H 76 13.51 -33.16 0.73
C ASP H 76 13.20 -31.69 0.41
N LEU H 77 11.93 -31.25 0.53
CA LEU H 77 11.66 -29.79 0.37
C LEU H 77 11.75 -29.10 1.72
N SER H 78 12.29 -27.88 1.74
CA SER H 78 12.33 -27.11 2.96
C SER H 78 12.26 -25.64 2.53
N LEU H 79 12.15 -24.74 3.50
CA LEU H 79 12.07 -23.29 3.21
C LEU H 79 13.49 -22.76 3.44
N GLU H 80 14.12 -22.17 2.40
CA GLU H 80 15.49 -21.71 2.57
C GLU H 80 15.65 -20.29 2.06
N LYS H 81 16.61 -19.53 2.60
CA LYS H 81 16.79 -18.13 2.24
C LYS H 81 17.60 -17.96 0.96
N ASN H 82 17.05 -17.24 -0.01
CA ASN H 82 17.71 -17.00 -1.30
C ASN H 82 19.00 -16.17 -1.11
N ASP H 83 20.11 -16.62 -1.69
CA ASP H 83 21.37 -15.87 -1.52
C ASP H 83 21.80 -15.38 -2.91
N GLY H 84 20.88 -15.47 -3.89
CA GLY H 84 21.14 -14.96 -5.27
C GLY H 84 21.98 -15.86 -6.17
N THR H 85 22.38 -17.05 -5.70
CA THR H 85 23.28 -17.86 -6.49
C THR H 85 22.49 -18.78 -7.39
N SER H 86 23.12 -19.29 -8.46
CA SER H 86 22.46 -20.32 -9.28
C SER H 86 22.30 -21.63 -8.50
N LEU H 87 23.25 -21.97 -7.65
CA LEU H 87 23.02 -23.16 -6.80
C LEU H 87 21.73 -23.11 -6.02
N PHE H 88 21.46 -21.94 -5.42
CA PHE H 88 20.21 -21.81 -4.73
C PHE H 88 19.06 -21.94 -5.73
N ALA H 89 19.12 -21.14 -6.79
CA ALA H 89 17.99 -20.99 -7.71
C ALA H 89 17.54 -22.28 -8.37
N GLU H 90 18.48 -23.10 -8.83
CA GLU H 90 18.07 -24.25 -9.65
C GLU H 90 17.22 -25.24 -8.87
N SER H 91 17.47 -25.40 -7.55
CA SER H 91 16.64 -26.32 -6.71
C SER H 91 15.40 -25.66 -6.11
N ALA H 92 15.20 -24.38 -6.46
CA ALA H 92 14.05 -23.61 -5.95
C ALA H 92 13.22 -23.08 -7.15
N THR H 93 13.36 -23.73 -8.32
CA THR H 93 12.59 -23.35 -9.51
C THR H 93 11.82 -24.57 -9.99
N PHE H 94 10.54 -24.37 -10.30
CA PHE H 94 9.64 -25.45 -10.66
C PHE H 94 8.80 -25.09 -11.85
N LYS H 95 8.49 -26.06 -12.73
CA LYS H 95 7.55 -25.78 -13.81
C LYS H 95 6.17 -26.24 -13.33
N ILE H 96 5.19 -25.36 -13.43
CA ILE H 96 3.79 -25.73 -13.14
C ILE H 96 3.20 -26.39 -14.40
N VAL H 97 2.87 -27.68 -14.27
CA VAL H 97 2.34 -28.52 -15.36
C VAL H 97 0.97 -29.11 -15.01
N PRO H 98 0.31 -29.79 -16.01
CA PRO H 98 -1.01 -30.37 -15.72
C PRO H 98 -0.86 -31.38 -14.61
N GLY H 99 -1.81 -31.38 -13.69
CA GLY H 99 -1.78 -32.26 -12.51
C GLY H 99 -1.60 -33.69 -12.93
N LEU H 100 -0.65 -34.40 -12.34
CA LEU H 100 -0.38 -35.79 -12.75
C LEU H 100 -1.58 -36.70 -12.61
N ALA H 101 -2.41 -36.41 -11.60
CA ALA H 101 -3.58 -37.28 -11.34
C ALA H 101 -4.80 -36.80 -12.07
N ASP H 102 -4.76 -35.54 -12.50
CA ASP H 102 -5.92 -34.88 -13.07
C ASP H 102 -5.47 -33.55 -13.65
N PRO H 103 -5.45 -33.48 -15.02
CA PRO H 103 -4.88 -32.30 -15.72
C PRO H 103 -5.68 -31.00 -15.47
N SER H 104 -6.83 -31.08 -14.80
CA SER H 104 -7.55 -29.90 -14.30
C SER H 104 -6.86 -29.25 -13.10
N TYR H 105 -5.99 -30.01 -12.39
CA TYR H 105 -5.24 -29.46 -11.27
C TYR H 105 -3.80 -29.17 -11.74
N ILE H 106 -2.84 -29.01 -10.82
CA ILE H 106 -1.47 -28.72 -11.22
C ILE H 106 -0.47 -29.61 -10.44
N SER H 107 0.74 -29.72 -10.99
CA SER H 107 1.83 -30.43 -10.30
C SER H 107 3.08 -29.53 -10.50
N PHE H 108 4.06 -29.62 -9.61
CA PHE H 108 5.24 -28.79 -9.69
C PHE H 108 6.39 -29.71 -10.12
N GLN H 109 6.88 -29.54 -11.37
CA GLN H 109 7.99 -30.35 -11.84
C GLN H 109 9.32 -29.58 -11.54
N SER H 110 10.30 -30.28 -11.02
CA SER H 110 11.59 -29.60 -10.79
C SER H 110 12.32 -29.13 -12.06
N TYR H 111 12.86 -27.91 -11.99
CA TYR H 111 13.69 -27.36 -13.08
C TYR H 111 14.94 -28.20 -13.29
N ASN H 112 15.62 -28.57 -12.19
CA ASN H 112 16.90 -29.35 -12.40
C ASN H 112 16.71 -30.88 -12.40
N PHE H 113 15.54 -31.38 -11.98
CA PHE H 113 15.21 -32.79 -12.05
C PHE H 113 13.86 -32.90 -12.75
N PRO H 114 13.87 -32.84 -14.11
CA PRO H 114 12.62 -32.70 -14.86
C PRO H 114 11.69 -33.89 -14.77
N THR H 115 12.08 -35.04 -14.15
CA THR H 115 11.15 -36.15 -14.00
C THR H 115 10.67 -36.27 -12.55
N ARG H 116 11.06 -35.28 -11.72
CA ARG H 116 10.65 -35.34 -10.30
C ARG H 116 9.76 -34.19 -9.97
N TYR H 117 8.88 -34.43 -8.98
CA TYR H 117 7.80 -33.50 -8.70
C TYR H 117 7.70 -33.30 -7.21
N ILE H 118 7.22 -32.10 -6.81
CA ILE H 118 6.91 -31.93 -5.34
C ILE H 118 5.74 -32.87 -5.01
N ARG H 119 5.89 -33.69 -3.94
CA ARG H 119 4.76 -34.53 -3.55
C ARG H 119 4.71 -34.59 -2.07
N HIS H 120 3.52 -34.82 -1.50
CA HIS H 120 3.50 -35.11 -0.06
C HIS H 120 3.71 -36.59 0.14
N TYR H 121 4.63 -36.94 1.06
CA TYR H 121 4.84 -38.31 1.47
C TYR H 121 4.29 -38.35 2.89
N ASN H 122 3.09 -38.89 3.05
CA ASN H 122 2.32 -38.51 4.25
C ASN H 122 2.28 -36.99 4.43
N TYR H 123 2.71 -36.45 5.57
CA TYR H 123 2.69 -35.00 5.73
C TYR H 123 3.95 -34.32 5.20
N LEU H 124 5.02 -35.09 4.91
CA LEU H 124 6.27 -34.44 4.53
C LEU H 124 6.24 -34.03 3.04
N LEU H 125 6.97 -32.99 2.64
CA LEU H 125 7.05 -32.70 1.17
C LEU H 125 8.43 -33.07 0.66
N ARG H 126 8.44 -33.86 -0.40
CA ARG H 126 9.65 -34.42 -0.94
C ARG H 126 9.61 -34.16 -2.46
N LEU H 127 10.76 -34.40 -3.09
CA LEU H 127 10.88 -34.28 -4.54
C LEU H 127 11.15 -35.69 -5.10
N ASP H 128 10.11 -36.32 -5.65
CA ASP H 128 10.20 -37.74 -6.04
C ASP H 128 9.89 -38.05 -7.50
N GLU H 129 10.41 -39.19 -8.00
CA GLU H 129 9.92 -39.80 -9.23
CA GLU H 129 9.89 -39.66 -9.26
C GLU H 129 8.50 -40.21 -8.94
N ILE H 130 7.63 -40.16 -9.94
CA ILE H 130 6.23 -40.40 -9.71
C ILE H 130 5.82 -41.65 -10.49
N VAL H 131 5.45 -42.73 -9.81
CA VAL H 131 5.25 -44.07 -10.52
C VAL H 131 3.80 -44.58 -10.48
N THR H 132 3.23 -44.57 -9.30
CA THR H 132 1.89 -45.18 -9.04
C THR H 132 0.78 -44.11 -9.07
N GLU H 133 -0.46 -44.59 -9.05
CA GLU H 133 -1.61 -43.69 -9.02
C GLU H 133 -1.59 -42.82 -7.75
N LEU H 134 -1.34 -43.46 -6.61
CA LEU H 134 -1.20 -42.64 -5.35
C LEU H 134 -0.02 -41.65 -5.43
N ASP H 135 1.08 -42.02 -6.03
CA ASP H 135 2.18 -41.03 -6.21
C ASP H 135 1.69 -39.84 -7.04
N ARG H 136 0.91 -40.10 -8.10
CA ARG H 136 0.39 -38.95 -8.91
C ARG H 136 -0.53 -38.08 -8.09
N GLN H 137 -1.41 -38.70 -7.31
CA GLN H 137 -2.32 -37.88 -6.48
C GLN H 137 -1.58 -37.09 -5.39
N ASP H 138 -0.53 -37.69 -4.81
CA ASP H 138 0.31 -37.00 -3.77
C ASP H 138 1.07 -35.85 -4.41
N ALA H 139 1.17 -35.84 -5.75
CA ALA H 139 1.93 -34.79 -6.47
C ALA H 139 0.97 -33.83 -7.19
N THR H 140 -0.33 -33.88 -6.89
CA THR H 140 -1.29 -33.04 -7.60
C THR H 140 -1.85 -32.09 -6.52
N PHE H 141 -1.95 -30.79 -6.89
CA PHE H 141 -2.45 -29.73 -5.97
C PHE H 141 -3.40 -28.79 -6.71
N LYS H 142 -4.27 -28.13 -5.95
CA LYS H 142 -5.25 -27.17 -6.47
C LYS H 142 -4.72 -25.78 -6.05
N ILE H 143 -4.61 -24.87 -6.99
CA ILE H 143 -4.17 -23.51 -6.67
C ILE H 143 -5.37 -22.77 -6.09
N ILE H 144 -5.25 -22.30 -4.86
CA ILE H 144 -6.34 -21.51 -4.31
C ILE H 144 -5.92 -20.01 -4.31
N SER H 145 -6.44 -19.23 -5.26
CA SER H 145 -5.92 -17.87 -5.51
C SER H 145 -6.25 -16.89 -4.41
C1 GOL I . -30.05 6.31 -6.37
O1 GOL I . -31.10 5.89 -7.21
C2 GOL I . -29.62 5.07 -5.52
O2 GOL I . -29.28 4.04 -6.42
C3 GOL I . -30.69 4.46 -4.62
O3 GOL I . -30.23 3.20 -4.05
C FMT J . -43.82 2.79 16.44
O1 FMT J . -44.61 2.89 17.42
O2 FMT J . -42.62 2.42 16.41
C FMT K . -20.84 8.20 -1.84
O1 FMT K . -20.41 7.46 -0.94
O2 FMT K . -21.77 7.95 -2.65
C FMT L . -11.76 -0.62 9.48
O1 FMT L . -11.94 0.00 10.56
O2 FMT L . -11.84 -0.09 8.35
C FMT M . -18.68 -8.39 6.84
O1 FMT M . -18.27 -8.64 8.00
O2 FMT M . -19.87 -7.97 6.63
CA CA N . -28.48 -6.10 0.84
C FMT O . -29.16 37.25 -3.95
O1 FMT O . -28.63 38.27 -3.35
O2 FMT O . -28.45 36.29 -4.54
C FMT P . -3.51 27.35 0.78
O1 FMT P . -2.78 26.59 0.17
O2 FMT P . -4.36 28.08 0.20
C FMT Q . -15.52 39.41 -11.13
O1 FMT Q . -15.53 38.84 -9.97
O2 FMT Q . -16.57 39.64 -11.84
C FMT R . -17.75 44.04 -3.55
O1 FMT R . -18.76 43.44 -3.13
O2 FMT R . -16.56 43.77 -3.30
CA CA S . -11.90 35.33 -0.61
C1 GOL T . 8.11 17.51 -32.21
O1 GOL T . 9.00 16.78 -31.44
C2 GOL T . 8.89 18.72 -32.54
O2 GOL T . 8.12 19.78 -32.08
C3 GOL T . 9.31 18.65 -34.00
O3 GOL T . 10.63 18.11 -33.93
C FMT U . 10.68 6.04 -6.30
O1 FMT U . 11.13 4.99 -5.83
O2 FMT U . 11.25 7.14 -6.31
C FMT V . 20.83 5.25 -21.83
O1 FMT V . 21.34 4.88 -20.71
O2 FMT V . 19.59 5.64 -21.93
C FMT W . 13.13 29.67 -16.67
O1 FMT W . 13.30 30.08 -15.51
O2 FMT W . 12.86 30.33 -17.70
C FMT X . -3.34 8.02 -8.13
O1 FMT X . -4.08 7.23 -7.51
O2 FMT X . -2.24 8.43 -7.74
CA CA Y . 10.79 7.59 -27.30
C1 GOL Z . 23.35 5.74 -4.77
O1 GOL Z . 24.34 5.74 -3.70
C2 GOL Z . 21.93 6.09 -4.37
O2 GOL Z . 21.79 6.44 -3.01
C3 GOL Z . 21.66 7.40 -5.11
O3 GOL Z . 20.36 7.88 -4.95
CA CA AA . 33.18 5.28 1.88
C1 GOL BA . -21.86 -9.94 -29.21
O1 GOL BA . -20.93 -10.43 -28.20
C2 GOL BA . -23.35 -10.05 -28.87
O2 GOL BA . -24.23 -9.14 -29.55
C3 GOL BA . -23.59 -9.61 -27.48
O3 GOL BA . -23.60 -10.82 -26.79
C FMT CA . -17.69 -29.84 -27.57
O1 FMT CA . -16.96 -30.37 -26.71
O2 FMT CA . -17.33 -29.49 -28.69
C FMT DA . -10.45 -20.60 -15.42
O1 FMT DA . -9.52 -21.44 -15.46
O2 FMT DA . -10.71 -19.79 -16.34
CA CA EA . -12.46 -11.03 -22.01
C1 GOL FA . -18.81 -5.52 23.44
O1 GOL FA . -20.08 -6.10 23.73
C2 GOL FA . -17.94 -6.39 24.32
O2 GOL FA . -18.10 -5.94 25.65
C3 GOL FA . -16.52 -6.69 23.85
O3 GOL FA . -15.59 -6.85 24.92
C FMT GA . -5.05 -15.71 38.04
O1 FMT GA . -5.42 -15.33 36.92
O2 FMT GA . -4.04 -15.26 38.60
CA CA HA . -7.08 -6.91 30.81
C ACT IA . 14.89 20.48 16.80
O ACT IA . 14.97 20.20 15.56
OXT ACT IA . 14.98 19.56 17.72
CH3 ACT IA . 14.76 21.93 17.07
C FMT JA . 23.83 33.43 12.24
O1 FMT JA . 22.60 33.58 12.38
O2 FMT JA . 24.35 32.80 11.32
C FMT KA . 23.48 32.03 17.50
O1 FMT KA . 22.52 32.38 18.23
O2 FMT KA . 23.51 32.18 16.27
C FMT LA . 26.39 7.83 29.00
O1 FMT LA . 26.87 7.70 30.16
O2 FMT LA . 25.31 8.41 28.67
CA CA MA . 16.67 10.26 22.93
C1 GOL NA . 20.05 -33.91 -3.23
O1 GOL NA . 20.58 -32.62 -3.21
C2 GOL NA . 19.51 -33.94 -4.63
O2 GOL NA . 20.66 -33.74 -5.44
C3 GOL NA . 18.55 -32.77 -4.82
O3 GOL NA . 17.66 -32.70 -3.67
C FMT OA . -4.60 -16.82 -0.59
O1 FMT OA . -5.58 -17.55 -0.84
O2 FMT OA . -4.13 -16.65 0.56
CA CA PA . 9.92 -31.73 3.73
#